data_7W6U
#
_entry.id   7W6U
#
_cell.length_a   195.570
_cell.length_b   195.570
_cell.length_c   149.770
_cell.angle_alpha   90.000
_cell.angle_beta   90.000
_cell.angle_gamma   90.000
#
_symmetry.space_group_name_H-M   'I 41 2 2'
#
loop_
_entity.id
_entity.type
_entity.pdbx_description
1 polymer 'Angiotensin-converting enzyme'
2 polymer 'Spike protein S1'
3 non-polymer 'ZINC ION'
4 non-polymer 2-acetamido-2-deoxy-beta-D-glucopyranose
5 water water
#
loop_
_entity_poly.entity_id
_entity_poly.type
_entity_poly.pdbx_seq_one_letter_code
_entity_poly.pdbx_strand_id
1 'polypeptide(L)'
;STTEDLAKTFLEKFNSEAEELSHQSSLASWSYNTNITDENVQKMNEAGARWSAFYEEQCKLAKTYPLEEIQNLTVKRQLQ
ALQQSGSSVLSADKSKRLNEILNTMSTIYSTGKVCNPSNPQECLLLEPGLDAIMENSKDYNQRLWAWEGWRSEVGKQLRP
LYEEYVVLKNEMARANNYEDYGDYWRGDYEAEGPSGYDYSRDQLIEDVERTFAEIKPLYEHLHAYVRAKLMDTYPSHINP
TGCLPAHLLGDMWGRFWTNLYSLTVPFGQKPNIDVTDAMVDQSWDAKRIFEEAEKFFVSVGLPNMTQGFWENSMLTEPGD
GRKVVCHPTAWDLGKGDFRIKMCTKVTMDDFLTAHHEMGHIQYDMAYAVQPYLLRNGANEGFHEAVGEIMSLSAATPNHL
KAIGLLPPDFYEDSETEINFLLKQALTIVGTLPFTYMLEKWRWMVFKGEIPKEEWMKKWWEMKREIVGVVEPVPHDETYC
DPAALFHVANDYSFIRYYTRTIYQFQFQEALCQTAKHEGPLHKCDISNSTEAGQKLLQMLSLGKSEPWTLALERIVGVKN
MDVRPLLNYFEPLFTWLKDQNKNSFVGWSTNWSPYAHHHHHH
;
A
2 'polypeptide(L)'
;RVQPTESIVRFPNITNLCPFGEVFNATRFASVYAWNRKRISNCVADYSVLYNSASFSTFKCYGVSPTKLNDLCFTNVYAD
SFVIRGDEVRQIAPGQTGKIADYNYKLPDDFTGCVIAWNSNNLDSKVGGNYNYLYRLFRKSNLKPFERDISTEIYQAGST
PCNGVEGFNCYFPLQSYGFQPTNGVGYQPYRVVVLSFELLHAPATVCGPKKSTNLVKNKCVNFHHHHHH
;
B
#
# COMPACT_ATOMS: atom_id res chain seq x y z
N SER A 1 -9.20 -24.96 25.13
CA SER A 1 -9.91 -25.52 23.99
C SER A 1 -8.89 -25.95 22.93
N THR A 2 -9.27 -25.85 21.65
CA THR A 2 -8.30 -26.06 20.59
C THR A 2 -7.23 -24.97 20.62
N THR A 3 -6.04 -25.31 20.14
CA THR A 3 -5.10 -24.27 19.78
C THR A 3 -5.75 -23.27 18.85
N GLU A 4 -6.57 -23.77 17.91
CA GLU A 4 -7.23 -22.87 16.95
C GLU A 4 -8.31 -22.03 17.63
N ASP A 5 -9.02 -22.59 18.61
CA ASP A 5 -9.98 -21.77 19.36
C ASP A 5 -9.27 -20.64 20.09
N LEU A 6 -8.13 -20.94 20.71
CA LEU A 6 -7.39 -19.91 21.43
C LEU A 6 -6.78 -18.88 20.48
N ALA A 7 -6.32 -19.33 19.31
CA ALA A 7 -5.74 -18.41 18.34
C ALA A 7 -6.78 -17.38 17.89
N LYS A 8 -7.99 -17.85 17.54
CA LYS A 8 -9.07 -16.94 17.16
C LYS A 8 -9.32 -15.91 18.24
N THR A 9 -9.45 -16.34 19.49
CA THR A 9 -9.65 -15.41 20.59
C THR A 9 -8.46 -14.45 20.72
N PHE A 10 -7.25 -14.98 20.60
CA PHE A 10 -6.05 -14.14 20.64
C PHE A 10 -6.08 -13.10 19.54
N LEU A 11 -6.41 -13.52 18.32
CA LEU A 11 -6.44 -12.58 17.19
C LEU A 11 -7.51 -11.52 17.40
N GLU A 12 -8.64 -11.89 18.02
CA GLU A 12 -9.70 -10.92 18.24
C GLU A 12 -9.26 -9.82 19.19
N LYS A 13 -8.57 -10.18 20.27
CA LYS A 13 -7.97 -9.15 21.12
C LYS A 13 -6.96 -8.33 20.34
N PHE A 14 -6.05 -8.99 19.63
CA PHE A 14 -5.06 -8.28 18.82
C PHE A 14 -5.74 -7.26 17.92
N ASN A 15 -6.66 -7.72 17.08
CA ASN A 15 -7.30 -6.86 16.08
C ASN A 15 -7.89 -5.61 16.72
N SER A 16 -8.61 -5.77 17.84
CA SER A 16 -9.30 -4.63 18.41
C SER A 16 -8.34 -3.61 19.00
N GLU A 17 -7.26 -4.07 19.64
CA GLU A 17 -6.28 -3.12 20.15
C GLU A 17 -5.35 -2.61 19.06
N ALA A 18 -4.97 -3.49 18.12
CA ALA A 18 -4.12 -3.05 17.01
C ALA A 18 -4.79 -1.94 16.22
N GLU A 19 -6.10 -2.06 15.96
CA GLU A 19 -6.79 -1.04 15.20
C GLU A 19 -6.81 0.30 15.94
N GLU A 20 -6.79 0.28 17.28
CA GLU A 20 -6.64 1.52 18.04
C GLU A 20 -5.24 2.09 17.88
N LEU A 21 -4.22 1.31 18.25
CA LEU A 21 -2.86 1.84 18.28
C LEU A 21 -2.37 2.21 16.88
N SER A 22 -2.71 1.40 15.86
CA SER A 22 -2.34 1.73 14.50
C SER A 22 -3.00 3.03 14.03
N HIS A 23 -4.27 3.23 14.39
CA HIS A 23 -4.98 4.45 14.02
C HIS A 23 -4.35 5.68 14.65
N GLN A 24 -4.01 5.60 15.94
CA GLN A 24 -3.43 6.76 16.61
C GLN A 24 -2.05 7.10 16.08
N SER A 25 -1.28 6.09 15.65
CA SER A 25 -0.01 6.38 15.00
C SER A 25 -0.22 7.07 13.65
N SER A 26 -1.18 6.56 12.86
CA SER A 26 -1.51 7.19 11.58
C SER A 26 -1.89 8.65 11.78
N LEU A 27 -2.81 8.91 12.72
CA LEU A 27 -3.27 10.28 12.97
C LEU A 27 -2.12 11.18 13.40
N ALA A 28 -1.26 10.68 14.30
CA ALA A 28 -0.15 11.50 14.79
C ALA A 28 0.87 11.77 13.69
N SER A 29 1.16 10.76 12.87
CA SER A 29 2.09 10.94 11.76
C SER A 29 1.50 11.84 10.67
N TRP A 30 0.18 11.82 10.50
CA TRP A 30 -0.45 12.76 9.58
C TRP A 30 -0.31 14.19 10.06
N SER A 31 -0.48 14.42 11.36
CA SER A 31 -0.30 15.75 11.91
C SER A 31 1.11 16.27 11.66
N TYR A 32 2.12 15.39 11.81
CA TYR A 32 3.48 15.84 11.54
C TYR A 32 3.67 16.15 10.06
N ASN A 33 3.25 15.24 9.19
CA ASN A 33 3.46 15.43 7.76
C ASN A 33 2.69 16.61 7.18
N THR A 34 1.65 17.08 7.87
CA THR A 34 0.91 18.25 7.42
C THR A 34 1.18 19.49 8.27
N ASN A 35 2.04 19.39 9.28
CA ASN A 35 2.50 20.53 10.06
C ASN A 35 3.80 20.09 10.74
N ILE A 36 4.92 20.26 10.02
CA ILE A 36 6.21 19.94 10.60
C ILE A 36 6.47 20.83 11.79
N THR A 37 6.67 20.22 12.95
CA THR A 37 6.67 20.88 14.24
C THR A 37 7.46 20.00 15.19
N ASP A 38 8.29 20.61 16.04
CA ASP A 38 9.06 19.84 17.01
C ASP A 38 8.14 19.10 17.97
N GLU A 39 7.00 19.69 18.31
CA GLU A 39 6.01 18.99 19.13
C GLU A 39 5.41 17.80 18.37
N ASN A 40 5.02 18.03 17.11
CA ASN A 40 4.44 16.94 16.32
C ASN A 40 5.47 15.84 16.04
N VAL A 41 6.77 16.14 16.14
CA VAL A 41 7.77 15.08 16.10
C VAL A 41 7.72 14.25 17.38
N GLN A 42 7.45 14.88 18.52
CA GLN A 42 7.34 14.14 19.76
C GLN A 42 6.10 13.25 19.76
N LYS A 43 4.93 13.84 19.52
CA LYS A 43 3.69 13.07 19.46
C LYS A 43 3.79 11.92 18.45
N MET A 44 4.48 12.14 17.34
CA MET A 44 4.63 11.09 16.34
C MET A 44 5.47 9.94 16.86
N ASN A 45 6.61 10.25 17.48
CA ASN A 45 7.50 9.20 17.97
C ASN A 45 6.88 8.43 19.13
N GLU A 46 6.09 9.09 19.98
CA GLU A 46 5.46 8.38 21.09
C GLU A 46 4.36 7.45 20.60
N ALA A 47 3.56 7.89 19.61
CA ALA A 47 2.53 7.03 19.07
C ALA A 47 3.12 5.82 18.37
N GLY A 48 4.27 5.99 17.70
CA GLY A 48 4.97 4.86 17.13
C GLY A 48 5.69 4.00 18.15
N ALA A 49 6.00 4.54 19.33
CA ALA A 49 6.56 3.74 20.41
C ALA A 49 5.50 2.78 20.95
N ARG A 50 4.36 3.33 21.39
CA ARG A 50 3.24 2.50 21.86
C ARG A 50 2.90 1.42 20.84
N TRP A 51 2.82 1.80 19.57
CA TRP A 51 2.41 0.86 18.53
C TRP A 51 3.50 -0.17 18.25
N SER A 52 4.76 0.26 18.22
CA SER A 52 5.84 -0.70 18.03
C SER A 52 5.90 -1.69 19.19
N ALA A 53 5.93 -1.17 20.43
CA ALA A 53 5.99 -2.03 21.61
C ALA A 53 4.89 -3.09 21.59
N PHE A 54 3.63 -2.65 21.52
CA PHE A 54 2.51 -3.58 21.47
C PHE A 54 2.69 -4.61 20.37
N TYR A 55 3.02 -4.15 19.17
CA TYR A 55 3.18 -5.06 18.05
C TYR A 55 4.26 -6.10 18.33
N GLU A 56 5.30 -5.73 19.08
CA GLU A 56 6.39 -6.68 19.34
C GLU A 56 5.97 -7.74 20.36
N GLU A 57 5.37 -7.33 21.49
CA GLU A 57 4.88 -8.33 22.43
C GLU A 57 3.95 -9.30 21.73
N GLN A 58 3.07 -8.78 20.87
CA GLN A 58 2.03 -9.60 20.29
C GLN A 58 2.59 -10.62 19.31
N CYS A 59 3.71 -10.28 18.66
CA CYS A 59 4.37 -11.25 17.79
C CYS A 59 4.89 -12.42 18.60
N LYS A 60 5.43 -12.15 19.78
CA LYS A 60 5.93 -13.21 20.66
C LYS A 60 4.79 -14.14 21.07
N LEU A 61 3.66 -13.56 21.52
CA LEU A 61 2.51 -14.36 21.91
C LEU A 61 2.03 -15.24 20.76
N ALA A 62 2.00 -14.69 19.54
CA ALA A 62 1.51 -15.43 18.38
C ALA A 62 2.27 -16.73 18.16
N LYS A 63 3.53 -16.79 18.58
CA LYS A 63 4.32 -17.98 18.38
C LYS A 63 3.89 -19.15 19.24
N THR A 64 3.13 -18.89 20.33
CA THR A 64 2.59 -19.93 21.20
C THR A 64 1.51 -20.77 20.53
N TYR A 65 1.04 -20.36 19.36
CA TYR A 65 -0.01 -21.09 18.66
C TYR A 65 0.60 -21.74 17.42
N PRO A 66 0.97 -23.02 17.52
CA PRO A 66 1.64 -23.69 16.40
C PRO A 66 0.71 -23.82 15.18
N LEU A 67 1.22 -23.37 14.02
CA LEU A 67 0.41 -23.33 12.80
C LEU A 67 -0.10 -24.70 12.40
N GLU A 68 0.72 -25.73 12.59
CA GLU A 68 0.30 -27.08 12.26
C GLU A 68 -0.96 -27.49 13.03
N GLU A 69 -1.25 -26.82 14.13
CA GLU A 69 -2.42 -27.10 14.95
C GLU A 69 -3.66 -26.34 14.49
N ILE A 70 -3.61 -25.68 13.33
CA ILE A 70 -4.61 -24.68 12.95
C ILE A 70 -5.16 -25.01 11.57
N GLN A 71 -6.48 -25.20 11.48
CA GLN A 71 -7.13 -25.59 10.22
C GLN A 71 -7.41 -24.37 9.35
N ASN A 72 -8.20 -23.42 9.86
CA ASN A 72 -8.65 -22.29 9.05
C ASN A 72 -7.48 -21.50 8.48
N LEU A 73 -7.51 -21.28 7.16
CA LEU A 73 -6.42 -20.58 6.50
C LEU A 73 -6.40 -19.11 6.86
N THR A 74 -7.57 -18.51 7.10
CA THR A 74 -7.61 -17.08 7.42
C THR A 74 -7.01 -16.82 8.79
N VAL A 75 -7.25 -17.71 9.74
CA VAL A 75 -6.56 -17.64 11.02
C VAL A 75 -5.07 -17.91 10.81
N LYS A 76 -4.75 -18.92 10.00
CA LYS A 76 -3.36 -19.27 9.75
C LYS A 76 -2.59 -18.13 9.11
N ARG A 77 -3.20 -17.47 8.12
CA ARG A 77 -2.50 -16.40 7.41
C ARG A 77 -2.22 -15.21 8.33
N GLN A 78 -3.14 -14.94 9.26
CA GLN A 78 -2.93 -13.83 10.21
C GLN A 78 -1.81 -14.15 11.20
N LEU A 79 -1.81 -15.36 11.76
CA LEU A 79 -0.75 -15.74 12.70
C LEU A 79 0.60 -15.72 12.01
N GLN A 80 0.66 -16.28 10.81
CA GLN A 80 1.89 -16.30 10.01
C GLN A 80 2.48 -14.90 9.87
N ALA A 81 1.64 -13.91 9.59
CA ALA A 81 2.11 -12.53 9.50
C ALA A 81 2.67 -12.05 10.83
N LEU A 82 2.02 -12.42 11.93
CA LEU A 82 2.44 -11.92 13.24
C LEU A 82 3.79 -12.50 13.66
N GLN A 83 4.03 -13.76 13.35
CA GLN A 83 5.20 -14.40 13.95
C GLN A 83 6.43 -14.38 13.04
N GLN A 84 6.38 -13.65 11.92
CA GLN A 84 7.60 -13.23 11.23
C GLN A 84 7.98 -11.87 11.84
N SER A 85 8.85 -11.91 12.84
CA SER A 85 9.13 -10.75 13.69
C SER A 85 10.46 -10.06 13.36
N GLY A 86 11.56 -10.81 13.26
CA GLY A 86 12.81 -10.22 12.81
C GLY A 86 14.07 -10.68 13.52
N SER A 87 14.88 -9.72 13.96
CA SER A 87 16.13 -9.99 14.67
C SER A 87 15.94 -10.12 16.18
N SER A 88 14.70 -10.36 16.63
CA SER A 88 14.47 -10.65 18.05
C SER A 88 15.31 -11.84 18.51
N VAL A 89 15.54 -12.81 17.63
CA VAL A 89 16.31 -14.00 18.01
C VAL A 89 17.77 -13.65 18.25
N LEU A 90 18.27 -12.62 17.56
CA LEU A 90 19.68 -12.26 17.67
C LEU A 90 20.02 -11.82 19.09
N SER A 91 21.21 -12.20 19.53
CA SER A 91 21.69 -11.82 20.85
C SER A 91 21.72 -10.30 20.98
N ALA A 92 21.62 -9.82 22.21
CA ALA A 92 21.49 -8.38 22.46
C ALA A 92 22.70 -7.62 21.96
N ASP A 93 23.91 -8.13 22.20
CA ASP A 93 25.11 -7.44 21.75
C ASP A 93 25.21 -7.45 20.22
N LYS A 94 24.90 -8.59 19.60
CA LYS A 94 24.88 -8.65 18.14
C LYS A 94 23.74 -7.82 17.56
N SER A 95 22.56 -7.86 18.20
CA SER A 95 21.44 -7.03 17.76
C SER A 95 21.78 -5.55 17.86
N LYS A 96 22.44 -5.15 18.94
CA LYS A 96 22.85 -3.75 19.08
C LYS A 96 23.89 -3.36 18.04
N ARG A 97 24.77 -4.29 17.66
CA ARG A 97 25.78 -3.97 16.66
C ARG A 97 25.18 -3.88 15.26
N LEU A 98 24.28 -4.80 14.92
CA LEU A 98 23.59 -4.72 13.64
C LEU A 98 22.94 -3.36 13.44
N ASN A 99 22.23 -2.88 14.45
CA ASN A 99 21.55 -1.59 14.35
C ASN A 99 22.57 -0.45 14.23
N GLU A 100 23.69 -0.57 14.93
CA GLU A 100 24.79 0.38 14.77
C GLU A 100 25.23 0.47 13.31
N ILE A 101 25.49 -0.69 12.71
CA ILE A 101 25.90 -0.76 11.31
C ILE A 101 24.83 -0.15 10.40
N LEU A 102 23.57 -0.59 10.58
CA LEU A 102 22.48 -0.11 9.75
C LEU A 102 22.39 1.42 9.75
N ASN A 103 22.50 2.03 10.92
CA ASN A 103 22.38 3.48 11.01
C ASN A 103 23.63 4.17 10.46
N THR A 104 24.80 3.56 10.64
CA THR A 104 26.03 4.18 10.16
C THR A 104 26.06 4.21 8.64
N MET A 105 25.69 3.09 8.00
CA MET A 105 25.60 3.05 6.55
C MET A 105 24.65 4.09 6.02
N SER A 106 23.43 4.14 6.57
CA SER A 106 22.44 5.10 6.14
C SER A 106 22.94 6.52 6.27
N THR A 107 23.71 6.81 7.33
CA THR A 107 24.14 8.18 7.59
C THR A 107 25.33 8.59 6.74
N ILE A 108 26.27 7.68 6.44
CA ILE A 108 27.33 8.11 5.54
C ILE A 108 26.81 8.14 4.10
N TYR A 109 25.77 7.37 3.78
CA TYR A 109 25.15 7.51 2.46
C TYR A 109 24.44 8.84 2.33
N SER A 110 23.73 9.27 3.38
CA SER A 110 22.92 10.47 3.29
C SER A 110 23.72 11.75 3.48
N THR A 111 24.99 11.66 3.87
CA THR A 111 25.79 12.83 4.16
C THR A 111 27.12 12.89 3.41
N GLY A 112 27.51 11.84 2.71
CA GLY A 112 28.79 11.84 2.02
C GLY A 112 28.81 12.89 0.92
N LYS A 113 29.95 13.57 0.80
CA LYS A 113 30.21 14.52 -0.28
C LYS A 113 31.32 14.00 -1.18
N VAL A 114 31.38 14.55 -2.38
CA VAL A 114 32.38 14.17 -3.38
C VAL A 114 32.93 15.45 -3.98
N CYS A 115 34.24 15.62 -3.93
CA CYS A 115 34.86 16.88 -4.33
C CYS A 115 35.40 16.81 -5.75
N ASN A 116 35.26 17.93 -6.46
CA ASN A 116 35.78 18.02 -7.82
C ASN A 116 37.30 18.02 -7.78
N PRO A 117 37.97 17.10 -8.50
CA PRO A 117 39.44 17.22 -8.62
C PRO A 117 39.85 18.55 -9.21
N SER A 118 39.04 19.07 -10.12
CA SER A 118 39.34 20.34 -10.78
C SER A 118 39.18 21.52 -9.82
N ASN A 119 38.19 21.45 -8.93
CA ASN A 119 37.96 22.52 -7.95
C ASN A 119 37.68 21.90 -6.59
N PRO A 120 38.67 21.89 -5.69
CA PRO A 120 38.43 21.34 -4.34
C PRO A 120 37.40 22.11 -3.54
N GLN A 121 37.06 23.34 -3.96
CA GLN A 121 36.02 24.12 -3.33
C GLN A 121 34.62 23.63 -3.68
N GLU A 122 34.51 22.75 -4.67
CA GLU A 122 33.24 22.22 -5.15
C GLU A 122 33.08 20.81 -4.61
N CYS A 123 32.43 20.67 -3.45
CA CYS A 123 32.16 19.37 -2.86
C CYS A 123 30.65 19.24 -2.74
N LEU A 124 30.08 18.33 -3.52
CA LEU A 124 28.64 18.20 -3.64
C LEU A 124 28.16 16.94 -2.94
N LEU A 125 26.94 17.03 -2.41
CA LEU A 125 26.19 15.88 -1.93
C LEU A 125 25.52 15.21 -3.12
N LEU A 126 25.09 13.95 -2.94
CA LEU A 126 24.31 13.29 -3.96
C LEU A 126 23.12 14.16 -4.37
N GLU A 127 22.35 14.62 -3.38
CA GLU A 127 21.26 15.53 -3.60
C GLU A 127 21.59 16.89 -3.00
N PRO A 128 21.58 17.98 -3.78
CA PRO A 128 21.18 17.97 -5.18
C PRO A 128 22.32 17.87 -6.20
N GLY A 129 23.57 17.92 -5.73
CA GLY A 129 24.67 18.25 -6.62
C GLY A 129 25.01 17.15 -7.61
N LEU A 130 25.35 15.95 -7.11
CA LEU A 130 25.74 14.84 -7.96
C LEU A 130 24.58 14.33 -8.81
N ASP A 131 23.36 14.34 -8.26
CA ASP A 131 22.19 13.98 -9.06
C ASP A 131 22.02 14.91 -10.24
N ALA A 132 22.27 16.21 -10.04
CA ALA A 132 22.17 17.17 -11.13
C ALA A 132 23.15 16.82 -12.25
N ILE A 133 24.37 16.43 -11.91
CA ILE A 133 25.35 16.02 -12.91
C ILE A 133 24.87 14.77 -13.63
N MET A 134 24.64 13.69 -12.87
CA MET A 134 24.34 12.39 -13.44
C MET A 134 23.07 12.39 -14.27
N GLU A 135 22.18 13.36 -14.06
CA GLU A 135 20.93 13.44 -14.81
C GLU A 135 20.96 14.46 -15.94
N ASN A 136 21.89 15.41 -15.92
CA ASN A 136 21.93 16.47 -16.93
C ASN A 136 23.21 16.55 -17.74
N SER A 137 24.36 16.19 -17.17
CA SER A 137 25.63 16.41 -17.87
C SER A 137 25.74 15.56 -19.12
N LYS A 138 26.21 16.19 -20.21
CA LYS A 138 26.61 15.49 -21.42
C LYS A 138 28.13 15.49 -21.61
N ASP A 139 28.87 15.79 -20.56
CA ASP A 139 30.34 15.85 -20.61
C ASP A 139 30.90 14.58 -19.99
N TYR A 140 31.58 13.77 -20.80
CA TYR A 140 32.08 12.47 -20.36
C TYR A 140 32.92 12.58 -19.10
N ASN A 141 33.75 13.61 -19.00
CA ASN A 141 34.68 13.72 -17.87
C ASN A 141 33.97 14.15 -16.60
N GLN A 142 33.04 15.10 -16.69
CA GLN A 142 32.26 15.52 -15.54
C GLN A 142 31.50 14.33 -14.95
N ARG A 143 30.71 13.66 -15.79
CA ARG A 143 29.98 12.47 -15.32
C ARG A 143 30.91 11.45 -14.70
N LEU A 144 32.15 11.35 -15.20
CA LEU A 144 33.04 10.32 -14.70
C LEU A 144 33.54 10.64 -13.29
N TRP A 145 33.91 11.89 -13.02
CA TRP A 145 34.42 12.17 -11.67
C TRP A 145 33.30 12.13 -10.64
N ALA A 146 32.08 12.52 -11.02
CA ALA A 146 30.93 12.31 -10.14
C ALA A 146 30.71 10.83 -9.88
N TRP A 147 30.73 10.01 -10.95
CA TRP A 147 30.43 8.59 -10.80
C TRP A 147 31.49 7.87 -9.99
N GLU A 148 32.76 8.16 -10.26
CA GLU A 148 33.83 7.45 -9.57
C GLU A 148 34.03 7.99 -8.16
N GLY A 149 33.88 9.29 -7.96
CA GLY A 149 34.06 9.86 -6.64
C GLY A 149 33.08 9.28 -5.63
N TRP A 150 31.82 9.23 -6.00
CA TRP A 150 30.79 8.65 -5.14
C TRP A 150 31.13 7.20 -4.77
N ARG A 151 31.37 6.36 -5.78
CA ARG A 151 31.67 4.96 -5.52
C ARG A 151 32.97 4.76 -4.76
N SER A 152 33.84 5.77 -4.72
CA SER A 152 35.09 5.68 -3.98
C SER A 152 35.03 6.33 -2.61
N GLU A 153 34.34 7.47 -2.48
CA GLU A 153 34.23 8.10 -1.17
C GLU A 153 33.28 7.34 -0.26
N VAL A 154 32.01 7.24 -0.64
CA VAL A 154 31.03 6.58 0.21
C VAL A 154 31.08 5.06 0.06
N GLY A 155 31.32 4.55 -1.16
CA GLY A 155 31.30 3.11 -1.37
C GLY A 155 32.41 2.39 -0.61
N LYS A 156 33.61 2.99 -0.57
CA LYS A 156 34.71 2.38 0.16
C LYS A 156 34.43 2.36 1.66
N GLN A 157 33.84 3.43 2.20
CA GLN A 157 33.43 3.44 3.59
C GLN A 157 32.41 2.35 3.89
N LEU A 158 31.54 2.04 2.92
CA LEU A 158 30.46 1.09 3.15
C LEU A 158 30.95 -0.35 3.18
N ARG A 159 32.05 -0.63 2.48
CA ARG A 159 32.61 -1.95 2.24
C ARG A 159 32.74 -2.79 3.51
N PRO A 160 33.48 -2.35 4.54
CA PRO A 160 33.62 -3.22 5.72
C PRO A 160 32.34 -3.31 6.54
N LEU A 161 31.53 -2.24 6.55
CA LEU A 161 30.22 -2.32 7.18
C LEU A 161 29.34 -3.36 6.49
N TYR A 162 29.37 -3.41 5.15
CA TYR A 162 28.49 -4.33 4.45
C TYR A 162 28.92 -5.78 4.64
N GLU A 163 30.21 -6.02 4.83
CA GLU A 163 30.67 -7.37 5.15
C GLU A 163 30.11 -7.83 6.49
N GLU A 164 30.16 -6.95 7.50
CA GLU A 164 29.58 -7.30 8.80
C GLU A 164 28.06 -7.37 8.73
N TYR A 165 27.45 -6.53 7.88
CA TYR A 165 26.01 -6.57 7.68
C TYR A 165 25.56 -7.93 7.17
N VAL A 166 26.23 -8.45 6.14
CA VAL A 166 25.88 -9.76 5.59
C VAL A 166 26.00 -10.84 6.65
N VAL A 167 27.10 -10.85 7.39
CA VAL A 167 27.34 -11.89 8.39
C VAL A 167 26.24 -11.89 9.44
N LEU A 168 25.90 -10.71 9.96
CA LEU A 168 24.91 -10.63 11.03
C LEU A 168 23.50 -10.91 10.50
N LYS A 169 23.10 -10.22 9.43
CA LYS A 169 21.79 -10.45 8.83
C LYS A 169 21.59 -11.91 8.49
N ASN A 170 22.65 -12.58 8.02
CA ASN A 170 22.58 -14.01 7.77
C ASN A 170 22.38 -14.78 9.07
N GLU A 171 23.13 -14.42 10.12
CA GLU A 171 22.97 -15.08 11.42
C GLU A 171 21.52 -15.03 11.90
N MET A 172 20.93 -13.83 11.89
CA MET A 172 19.52 -13.69 12.25
C MET A 172 18.64 -14.59 11.39
N ALA A 173 18.86 -14.56 10.07
CA ALA A 173 17.99 -15.28 9.14
C ALA A 173 18.03 -16.78 9.39
N ARG A 174 19.23 -17.35 9.56
CA ARG A 174 19.32 -18.79 9.79
C ARG A 174 18.67 -19.19 11.11
N ALA A 175 18.80 -18.35 12.13
CA ALA A 175 18.14 -18.61 13.41
C ALA A 175 16.64 -18.41 13.36
N ASN A 176 16.08 -18.20 12.16
CA ASN A 176 14.64 -18.07 11.97
C ASN A 176 14.10 -19.10 10.99
N ASN A 177 14.85 -20.18 10.76
CA ASN A 177 14.56 -21.30 9.86
C ASN A 177 14.76 -20.93 8.39
N TYR A 178 15.30 -19.75 8.09
CA TYR A 178 15.58 -19.37 6.71
C TYR A 178 17.01 -19.73 6.33
N GLU A 179 17.21 -20.05 5.05
CA GLU A 179 18.52 -20.46 4.58
C GLU A 179 19.55 -19.35 4.76
N ASP A 180 19.18 -18.14 4.35
CA ASP A 180 20.06 -16.98 4.40
C ASP A 180 19.16 -15.75 4.43
N TYR A 181 19.77 -14.56 4.44
CA TYR A 181 18.97 -13.35 4.46
C TYR A 181 18.18 -13.16 3.16
N GLY A 182 18.75 -13.58 2.03
CA GLY A 182 18.03 -13.49 0.78
C GLY A 182 16.81 -14.40 0.74
N ASP A 183 16.96 -15.63 1.24
CA ASP A 183 15.81 -16.54 1.34
C ASP A 183 14.72 -15.94 2.22
N TYR A 184 15.11 -15.22 3.26
CA TYR A 184 14.15 -14.51 4.12
C TYR A 184 13.39 -13.46 3.32
N TRP A 185 14.09 -12.69 2.49
CA TRP A 185 13.45 -11.66 1.68
C TRP A 185 12.46 -12.27 0.69
N ARG A 186 12.86 -13.34 0.01
CA ARG A 186 11.94 -14.06 -0.86
C ARG A 186 10.73 -14.58 -0.10
N GLY A 187 10.74 -14.52 1.23
CA GLY A 187 9.59 -14.91 2.01
C GLY A 187 8.31 -14.21 1.61
N ASP A 188 8.40 -12.95 1.15
CA ASP A 188 7.18 -12.20 0.85
C ASP A 188 6.36 -12.84 -0.26
N TYR A 189 6.97 -13.65 -1.12
CA TYR A 189 6.24 -14.30 -2.18
C TYR A 189 5.79 -15.71 -1.83
N GLU A 190 6.19 -16.22 -0.67
CA GLU A 190 5.75 -17.56 -0.27
C GLU A 190 4.23 -17.61 -0.12
N ALA A 191 3.65 -18.71 -0.59
CA ALA A 191 2.22 -18.96 -0.48
C ALA A 191 2.02 -20.43 -0.17
N GLU A 192 1.33 -20.71 0.93
CA GLU A 192 0.98 -22.06 1.33
C GLU A 192 -0.52 -22.21 1.37
N GLY A 193 -1.20 -21.55 0.44
CA GLY A 193 -2.64 -21.52 0.42
C GLY A 193 -3.27 -22.76 -0.16
N PRO A 194 -4.52 -22.63 -0.56
CA PRO A 194 -5.28 -23.79 -1.04
C PRO A 194 -4.70 -24.34 -2.34
N SER A 195 -5.02 -25.60 -2.56
CA SER A 195 -5.01 -26.29 -3.86
C SER A 195 -3.66 -26.08 -4.55
N GLY A 196 -3.62 -25.63 -5.80
CA GLY A 196 -2.36 -25.38 -6.48
C GLY A 196 -2.04 -23.91 -6.56
N TYR A 197 -2.39 -23.19 -5.49
CA TYR A 197 -2.00 -21.81 -5.31
C TYR A 197 -0.77 -21.67 -4.42
N ASP A 198 -0.10 -22.78 -4.13
CA ASP A 198 1.11 -22.73 -3.33
C ASP A 198 2.30 -22.23 -4.15
N TYR A 199 3.25 -21.60 -3.45
CA TYR A 199 4.39 -20.96 -4.10
C TYR A 199 5.55 -20.94 -3.13
N SER A 200 6.66 -21.58 -3.50
CA SER A 200 7.83 -21.66 -2.63
C SER A 200 8.75 -20.47 -2.84
N ARG A 201 9.54 -20.16 -1.80
CA ARG A 201 10.47 -19.05 -1.89
C ARG A 201 11.52 -19.28 -2.97
N ASP A 202 11.84 -20.53 -3.26
CA ASP A 202 12.83 -20.82 -4.30
C ASP A 202 12.23 -20.70 -5.70
N GLN A 203 10.92 -20.85 -5.82
CA GLN A 203 10.27 -20.65 -7.11
C GLN A 203 10.47 -19.23 -7.62
N LEU A 204 10.59 -18.25 -6.72
CA LEU A 204 10.74 -16.86 -7.14
C LEU A 204 11.96 -16.67 -8.03
N ILE A 205 13.08 -17.27 -7.64
CA ILE A 205 14.29 -17.19 -8.48
C ILE A 205 14.02 -17.79 -9.85
N GLU A 206 13.44 -18.99 -9.88
CA GLU A 206 13.14 -19.64 -11.16
C GLU A 206 12.25 -18.76 -12.03
N ASP A 207 11.22 -18.16 -11.44
CA ASP A 207 10.28 -17.38 -12.22
C ASP A 207 10.88 -16.03 -12.63
N VAL A 208 11.72 -15.43 -11.79
CA VAL A 208 12.39 -14.20 -12.20
C VAL A 208 13.39 -14.48 -13.32
N GLU A 209 13.96 -15.69 -13.37
CA GLU A 209 14.94 -16.01 -14.40
C GLU A 209 14.27 -16.40 -15.71
N ARG A 210 13.20 -17.20 -15.65
CA ARG A 210 12.48 -17.56 -16.87
C ARG A 210 11.88 -16.33 -17.55
N THR A 211 11.28 -15.43 -16.78
CA THR A 211 10.68 -14.25 -17.36
C THR A 211 11.74 -13.29 -17.90
N PHE A 212 12.87 -13.16 -17.19
CA PHE A 212 13.90 -12.26 -17.69
C PHE A 212 14.44 -12.72 -19.04
N ALA A 213 14.61 -14.04 -19.21
CA ALA A 213 15.05 -14.57 -20.49
C ALA A 213 14.13 -14.14 -21.63
N GLU A 214 12.83 -14.02 -21.35
CA GLU A 214 11.88 -13.60 -22.37
C GLU A 214 11.94 -12.09 -22.63
N ILE A 215 12.43 -11.30 -21.68
CA ILE A 215 12.53 -9.86 -21.85
C ILE A 215 13.82 -9.43 -22.53
N LYS A 216 14.89 -10.23 -22.43
CA LYS A 216 16.20 -9.79 -22.93
C LYS A 216 16.22 -9.42 -24.41
N PRO A 217 15.55 -10.12 -25.33
CA PRO A 217 15.57 -9.67 -26.73
C PRO A 217 15.12 -8.22 -26.91
N LEU A 218 13.98 -7.87 -26.31
CA LEU A 218 13.53 -6.48 -26.32
C LEU A 218 14.59 -5.55 -25.73
N TYR A 219 15.16 -5.93 -24.59
CA TYR A 219 16.18 -5.10 -23.97
C TYR A 219 17.40 -4.97 -24.86
N GLU A 220 17.87 -6.08 -25.44
CA GLU A 220 19.06 -6.04 -26.28
C GLU A 220 18.89 -5.05 -27.44
N HIS A 221 17.68 -4.95 -27.98
CA HIS A 221 17.43 -4.02 -29.07
C HIS A 221 17.29 -2.58 -28.58
N LEU A 222 16.68 -2.38 -27.41
CA LEU A 222 16.72 -1.06 -26.79
C LEU A 222 18.15 -0.64 -26.51
N HIS A 223 18.95 -1.58 -25.99
CA HIS A 223 20.35 -1.33 -25.68
C HIS A 223 21.16 -0.95 -26.91
N ALA A 224 20.89 -1.58 -28.05
CA ALA A 224 21.67 -1.30 -29.26
C ALA A 224 21.25 0.02 -29.90
N TYR A 225 19.96 0.35 -29.89
CA TYR A 225 19.52 1.65 -30.36
C TYR A 225 20.14 2.77 -29.53
N VAL A 226 20.16 2.61 -28.21
CA VAL A 226 20.70 3.65 -27.34
C VAL A 226 22.21 3.75 -27.52
N ARG A 227 22.89 2.61 -27.65
CA ARG A 227 24.32 2.62 -27.91
C ARG A 227 24.65 3.42 -29.16
N ALA A 228 23.90 3.20 -30.24
CA ALA A 228 24.16 3.91 -31.49
C ALA A 228 23.96 5.42 -31.32
N LYS A 229 22.91 5.82 -30.60
CA LYS A 229 22.67 7.25 -30.40
C LYS A 229 23.69 7.86 -29.45
N LEU A 230 24.26 7.08 -28.54
CA LEU A 230 25.30 7.59 -27.66
C LEU A 230 26.64 7.71 -28.36
N MET A 231 26.85 6.96 -29.45
CA MET A 231 28.04 7.17 -30.26
C MET A 231 28.08 8.60 -30.81
N ASP A 232 26.91 9.15 -31.14
CA ASP A 232 26.83 10.50 -31.67
C ASP A 232 27.17 11.58 -30.64
N THR A 233 27.35 11.21 -29.37
CA THR A 233 27.65 12.15 -28.30
C THR A 233 29.01 11.87 -27.65
N TYR A 234 29.40 10.61 -27.53
CA TYR A 234 30.66 10.21 -26.91
C TYR A 234 31.43 9.34 -27.91
N PRO A 235 31.79 9.89 -29.07
CA PRO A 235 32.41 9.04 -30.11
C PRO A 235 33.71 8.42 -29.66
N SER A 236 34.47 9.12 -28.81
CA SER A 236 35.76 8.63 -28.38
C SER A 236 35.64 7.39 -27.50
N HIS A 237 34.53 7.26 -26.77
CA HIS A 237 34.44 6.29 -25.68
C HIS A 237 33.34 5.25 -25.83
N ILE A 238 32.62 5.22 -26.95
CA ILE A 238 31.59 4.21 -27.19
C ILE A 238 32.08 3.29 -28.30
N ASN A 239 32.13 2.00 -28.00
CA ASN A 239 32.47 0.90 -28.89
C ASN A 239 31.19 0.30 -29.46
N PRO A 240 31.05 0.20 -30.78
CA PRO A 240 29.76 -0.20 -31.38
C PRO A 240 29.29 -1.61 -31.04
N THR A 241 30.13 -2.43 -30.41
CA THR A 241 29.72 -3.79 -30.05
C THR A 241 29.98 -4.09 -28.58
N GLY A 242 30.37 -3.11 -27.79
CA GLY A 242 30.69 -3.31 -26.39
C GLY A 242 29.56 -2.89 -25.46
N CYS A 243 29.81 -3.06 -24.17
CA CYS A 243 28.87 -2.60 -23.17
C CYS A 243 28.84 -1.07 -23.15
N LEU A 244 27.80 -0.54 -22.55
CA LEU A 244 27.72 0.90 -22.32
C LEU A 244 28.47 1.26 -21.05
N PRO A 245 29.30 2.31 -21.07
CA PRO A 245 29.99 2.73 -19.84
C PRO A 245 29.00 3.24 -18.80
N ALA A 246 29.20 2.81 -17.56
CA ALA A 246 28.17 2.91 -16.53
C ALA A 246 27.82 4.33 -16.14
N HIS A 247 28.70 5.31 -16.39
CA HIS A 247 28.47 6.67 -15.93
C HIS A 247 27.74 7.55 -16.95
N LEU A 248 27.30 6.98 -18.07
CA LEU A 248 26.65 7.76 -19.12
C LEU A 248 25.17 7.50 -19.24
N LEU A 249 24.55 6.92 -18.20
CA LEU A 249 23.25 6.28 -18.33
C LEU A 249 22.08 7.15 -17.86
N GLY A 250 22.33 8.37 -17.41
CA GLY A 250 21.24 9.26 -17.08
C GLY A 250 20.86 9.31 -15.62
N ASP A 251 21.48 8.50 -14.78
CA ASP A 251 21.44 8.69 -13.33
C ASP A 251 22.69 8.07 -12.75
N MET A 252 22.79 8.15 -11.42
CA MET A 252 24.03 7.79 -10.75
C MET A 252 24.39 6.33 -10.95
N TRP A 253 23.39 5.47 -11.11
CA TRP A 253 23.60 4.03 -11.14
C TRP A 253 23.26 3.39 -12.49
N GLY A 254 22.62 4.12 -13.40
CA GLY A 254 21.98 3.49 -14.53
C GLY A 254 20.70 2.77 -14.20
N ARG A 255 20.04 3.13 -13.09
CA ARG A 255 18.84 2.42 -12.67
C ARG A 255 17.68 2.65 -13.64
N PHE A 256 17.58 3.87 -14.18
CA PHE A 256 16.63 4.20 -15.22
C PHE A 256 17.39 4.90 -16.34
N TRP A 257 16.93 4.72 -17.58
CA TRP A 257 17.50 5.42 -18.71
C TRP A 257 16.63 6.59 -19.15
N THR A 258 15.76 7.07 -18.25
CA THR A 258 14.80 8.10 -18.61
C THR A 258 15.47 9.36 -19.13
N ASN A 259 16.59 9.75 -18.53
CA ASN A 259 17.24 11.00 -18.88
C ASN A 259 18.08 10.92 -20.14
N LEU A 260 18.10 9.77 -20.81
CA LEU A 260 18.71 9.66 -22.12
C LEU A 260 17.75 10.03 -23.24
N TYR A 261 16.58 10.56 -22.91
CA TYR A 261 15.55 10.77 -23.94
C TYR A 261 15.95 11.87 -24.92
N SER A 262 16.55 12.95 -24.43
CA SER A 262 16.96 14.02 -25.34
C SER A 262 18.03 13.54 -26.32
N LEU A 263 18.88 12.60 -25.91
CA LEU A 263 19.90 12.04 -26.78
C LEU A 263 19.38 11.00 -27.75
N THR A 264 18.28 10.32 -27.42
CA THR A 264 17.88 9.12 -28.12
C THR A 264 16.49 9.20 -28.74
N VAL A 265 15.79 10.33 -28.59
CA VAL A 265 14.39 10.41 -29.04
C VAL A 265 14.31 10.07 -30.52
N PRO A 266 13.41 9.17 -30.93
CA PRO A 266 13.33 8.82 -32.37
C PRO A 266 13.12 10.02 -33.28
N PHE A 267 12.10 10.84 -33.01
CA PHE A 267 11.72 11.95 -33.89
C PHE A 267 11.65 13.23 -33.07
N GLY A 268 12.82 13.84 -32.83
CA GLY A 268 12.91 15.05 -32.03
C GLY A 268 12.17 16.25 -32.60
N GLN A 269 11.65 16.15 -33.82
CA GLN A 269 10.82 17.18 -34.42
C GLN A 269 9.35 17.08 -33.99
N LYS A 270 9.01 16.12 -33.15
CA LYS A 270 7.64 15.98 -32.66
C LYS A 270 7.58 16.27 -31.17
N PRO A 271 6.61 17.05 -30.71
CA PRO A 271 6.51 17.30 -29.27
C PRO A 271 5.74 16.20 -28.56
N ASN A 272 6.03 16.04 -27.27
CA ASN A 272 5.25 15.14 -26.45
C ASN A 272 3.83 15.67 -26.29
N ILE A 273 2.85 14.75 -26.27
CA ILE A 273 1.51 15.13 -25.84
C ILE A 273 1.61 15.67 -24.41
N ASP A 274 1.23 16.92 -24.21
CA ASP A 274 1.28 17.54 -22.87
C ASP A 274 0.05 18.43 -22.70
N VAL A 275 -0.93 17.93 -21.96
CA VAL A 275 -2.19 18.64 -21.76
C VAL A 275 -2.09 19.70 -20.68
N THR A 276 -0.87 19.98 -20.19
CA THR A 276 -0.72 20.99 -19.15
C THR A 276 -1.31 22.33 -19.60
N ASP A 277 -0.96 22.75 -20.82
CA ASP A 277 -1.43 24.04 -21.32
C ASP A 277 -2.95 24.08 -21.42
N ALA A 278 -3.57 22.97 -21.84
CA ALA A 278 -5.03 22.91 -21.90
C ALA A 278 -5.64 23.06 -20.51
N MET A 279 -5.01 22.47 -19.49
CA MET A 279 -5.56 22.57 -18.14
C MET A 279 -5.52 24.02 -17.64
N VAL A 280 -4.47 24.76 -17.96
CA VAL A 280 -4.39 26.15 -17.52
C VAL A 280 -5.39 27.01 -18.29
N ASP A 281 -5.59 26.72 -19.58
CA ASP A 281 -6.55 27.49 -20.36
C ASP A 281 -7.99 27.17 -19.98
N GLN A 282 -8.26 25.96 -19.49
CA GLN A 282 -9.58 25.62 -18.98
C GLN A 282 -9.74 25.96 -17.50
N SER A 283 -8.72 26.57 -16.89
CA SER A 283 -8.77 27.09 -15.53
C SER A 283 -8.95 25.99 -14.48
N TRP A 284 -8.36 24.83 -14.73
CA TRP A 284 -8.42 23.75 -13.74
C TRP A 284 -7.68 24.16 -12.48
N ASP A 285 -8.15 23.65 -11.35
CA ASP A 285 -7.45 23.75 -10.07
C ASP A 285 -7.25 22.34 -9.51
N ALA A 286 -6.69 22.28 -8.30
CA ALA A 286 -6.46 20.97 -7.67
C ALA A 286 -7.76 20.21 -7.49
N LYS A 287 -8.83 20.91 -7.13
CA LYS A 287 -10.13 20.26 -6.94
C LYS A 287 -10.61 19.61 -8.22
N ARG A 288 -10.42 20.27 -9.37
CA ARG A 288 -10.88 19.71 -10.63
C ARG A 288 -10.11 18.44 -10.99
N ILE A 289 -8.81 18.41 -10.67
CA ILE A 289 -8.00 17.25 -10.99
C ILE A 289 -8.50 16.02 -10.24
N PHE A 290 -8.74 16.16 -8.93
CA PHE A 290 -9.17 15.02 -8.13
C PHE A 290 -10.64 14.69 -8.39
N GLU A 291 -11.45 15.68 -8.75
CA GLU A 291 -12.81 15.39 -9.19
C GLU A 291 -12.80 14.52 -10.44
N GLU A 292 -11.84 14.77 -11.35
CA GLU A 292 -11.79 14.01 -12.59
C GLU A 292 -11.24 12.61 -12.38
N ALA A 293 -10.23 12.47 -11.52
CA ALA A 293 -9.79 11.14 -11.10
C ALA A 293 -10.96 10.36 -10.49
N GLU A 294 -11.74 11.02 -9.63
CA GLU A 294 -12.90 10.36 -9.03
C GLU A 294 -13.90 9.91 -10.09
N LYS A 295 -14.20 10.78 -11.05
CA LYS A 295 -15.09 10.41 -12.16
C LYS A 295 -14.58 9.16 -12.88
N PHE A 296 -13.26 9.04 -13.02
CA PHE A 296 -12.69 7.90 -13.73
C PHE A 296 -13.03 6.58 -13.03
N PHE A 297 -12.85 6.53 -11.71
CA PHE A 297 -13.14 5.28 -11.00
C PHE A 297 -14.62 4.99 -10.94
N VAL A 298 -15.45 6.03 -10.88
CA VAL A 298 -16.90 5.81 -10.93
C VAL A 298 -17.31 5.28 -12.28
N SER A 299 -16.63 5.70 -13.35
CA SER A 299 -16.99 5.24 -14.69
C SER A 299 -16.78 3.74 -14.85
N VAL A 300 -15.87 3.14 -14.08
CA VAL A 300 -15.65 1.70 -14.13
C VAL A 300 -16.36 0.98 -12.99
N GLY A 301 -17.16 1.68 -12.21
CA GLY A 301 -18.00 1.05 -11.21
C GLY A 301 -17.45 0.98 -9.81
N LEU A 302 -16.43 1.75 -9.49
CA LEU A 302 -15.83 1.74 -8.17
C LEU A 302 -16.41 2.87 -7.33
N PRO A 303 -16.29 2.78 -6.01
CA PRO A 303 -16.91 3.80 -5.15
C PRO A 303 -16.36 5.20 -5.40
N ASN A 304 -17.16 6.19 -5.00
CA ASN A 304 -16.70 7.56 -4.87
C ASN A 304 -15.70 7.65 -3.72
N MET A 305 -15.05 8.81 -3.62
CA MET A 305 -14.27 9.10 -2.44
C MET A 305 -15.20 9.40 -1.27
N THR A 306 -14.73 9.12 -0.06
CA THR A 306 -15.55 9.43 1.10
C THR A 306 -15.63 10.94 1.30
N GLN A 307 -16.60 11.35 2.12
CA GLN A 307 -16.70 12.76 2.47
C GLN A 307 -15.48 13.20 3.30
N GLY A 308 -15.02 12.33 4.19
CA GLY A 308 -13.80 12.64 4.94
C GLY A 308 -12.57 12.73 4.06
N PHE A 309 -12.54 11.98 2.95
CA PHE A 309 -11.45 12.14 1.99
C PHE A 309 -11.34 13.58 1.53
N TRP A 310 -12.45 14.16 1.08
CA TRP A 310 -12.45 15.55 0.65
C TRP A 310 -12.17 16.51 1.79
N GLU A 311 -12.67 16.21 2.99
CA GLU A 311 -12.55 17.17 4.07
C GLU A 311 -11.17 17.13 4.72
N ASN A 312 -10.53 15.96 4.78
CA ASN A 312 -9.32 15.80 5.58
C ASN A 312 -8.04 15.65 4.77
N SER A 313 -8.13 15.39 3.47
CA SER A 313 -6.93 15.30 2.66
C SER A 313 -6.20 16.64 2.63
N MET A 314 -4.97 16.63 2.14
CA MET A 314 -4.23 17.86 1.87
C MET A 314 -3.86 17.78 0.39
N LEU A 315 -4.76 18.26 -0.46
CA LEU A 315 -4.60 18.21 -1.91
C LEU A 315 -3.84 19.40 -2.46
N THR A 316 -3.35 20.27 -1.59
CA THR A 316 -2.75 21.53 -2.02
C THR A 316 -1.78 21.96 -0.94
N GLU A 317 -0.62 22.47 -1.34
CA GLU A 317 0.34 22.97 -0.37
C GLU A 317 -0.31 24.08 0.46
N PRO A 318 -0.22 24.04 1.78
CA PRO A 318 -0.85 25.08 2.60
C PRO A 318 -0.09 26.38 2.52
N GLY A 319 -0.84 27.47 2.71
CA GLY A 319 -0.27 28.80 2.73
C GLY A 319 -0.53 29.54 4.03
N ASP A 320 -0.77 28.80 5.11
CA ASP A 320 -0.93 29.38 6.43
C ASP A 320 0.37 29.40 7.23
N GLY A 321 1.51 29.24 6.57
CA GLY A 321 2.77 29.09 7.26
C GLY A 321 3.12 27.67 7.67
N ARG A 322 2.19 26.74 7.57
CA ARG A 322 2.48 25.35 7.90
C ARG A 322 3.49 24.78 6.90
N LYS A 323 4.60 24.27 7.43
CA LYS A 323 5.59 23.55 6.63
C LYS A 323 5.14 22.10 6.53
N VAL A 324 5.11 21.57 5.30
CA VAL A 324 4.65 20.20 5.07
C VAL A 324 5.70 19.46 4.26
N VAL A 325 5.47 18.15 4.11
CA VAL A 325 6.27 17.29 3.27
C VAL A 325 5.47 17.00 2.01
N CYS A 326 6.05 17.31 0.84
CA CYS A 326 5.26 17.43 -0.38
C CYS A 326 5.21 16.13 -1.18
N HIS A 327 6.08 15.17 -0.91
CA HIS A 327 6.08 13.92 -1.65
C HIS A 327 4.69 13.29 -1.62
N PRO A 328 4.14 12.86 -2.76
CA PRO A 328 2.75 12.41 -2.79
C PRO A 328 2.57 11.05 -2.12
N THR A 329 1.60 10.97 -1.21
CA THR A 329 1.30 9.71 -0.54
C THR A 329 -0.20 9.52 -0.42
N ALA A 330 -0.61 8.26 -0.40
CA ALA A 330 -2.00 7.87 -0.17
C ALA A 330 -2.08 7.16 1.19
N TRP A 331 -2.93 7.67 2.08
CA TRP A 331 -2.97 7.22 3.46
C TRP A 331 -4.22 6.40 3.72
N ASP A 332 -4.02 5.21 4.30
CA ASP A 332 -5.06 4.40 4.91
C ASP A 332 -4.83 4.54 6.40
N LEU A 333 -5.50 5.53 7.01
CA LEU A 333 -5.26 5.80 8.42
C LEU A 333 -5.97 4.84 9.36
N GLY A 334 -6.83 3.97 8.83
CA GLY A 334 -7.61 3.07 9.65
C GLY A 334 -8.97 3.64 10.00
N LYS A 335 -9.85 2.74 10.43
CA LYS A 335 -11.19 3.10 10.90
C LYS A 335 -11.95 3.94 9.87
N GLY A 336 -11.84 3.55 8.61
CA GLY A 336 -12.59 4.19 7.53
C GLY A 336 -12.06 5.52 7.06
N ASP A 337 -10.88 5.93 7.51
CA ASP A 337 -10.31 7.24 7.24
C ASP A 337 -9.28 7.12 6.12
N PHE A 338 -9.61 7.63 4.94
CA PHE A 338 -8.75 7.57 3.75
C PHE A 338 -8.42 8.98 3.30
N ARG A 339 -7.13 9.25 3.08
CA ARG A 339 -6.69 10.59 2.71
C ARG A 339 -5.57 10.52 1.69
N ILE A 340 -5.37 11.63 0.99
CA ILE A 340 -4.22 11.83 0.13
C ILE A 340 -3.53 13.13 0.55
N LYS A 341 -2.20 13.12 0.55
CA LYS A 341 -1.38 14.30 0.80
C LYS A 341 -0.55 14.57 -0.45
N MET A 342 -0.80 15.71 -1.09
CA MET A 342 -0.14 16.10 -2.33
C MET A 342 -0.09 17.62 -2.41
N CYS A 343 1.03 18.14 -2.88
CA CYS A 343 1.10 19.56 -3.24
C CYS A 343 0.79 19.66 -4.73
N THR A 344 -0.50 19.50 -5.02
CA THR A 344 -0.95 19.39 -6.42
C THR A 344 -0.72 20.69 -7.18
N LYS A 345 -0.23 20.56 -8.41
CA LYS A 345 -0.05 21.68 -9.30
C LYS A 345 -0.78 21.37 -10.61
N VAL A 346 -1.13 22.43 -11.35
CA VAL A 346 -1.94 22.28 -12.55
C VAL A 346 -1.06 21.85 -13.72
N THR A 347 -0.62 20.59 -13.69
CA THR A 347 0.24 20.04 -14.73
C THR A 347 -0.24 18.65 -15.09
N MET A 348 0.18 18.17 -16.25
CA MET A 348 -0.20 16.82 -16.67
C MET A 348 0.40 15.77 -15.75
N ASP A 349 1.62 16.02 -15.26
CA ASP A 349 2.25 15.09 -14.32
C ASP A 349 1.38 14.90 -13.09
N ASP A 350 1.06 16.00 -12.39
CA ASP A 350 0.28 15.91 -11.17
C ASP A 350 -1.13 15.39 -11.42
N PHE A 351 -1.67 15.64 -12.61
CA PHE A 351 -2.96 15.05 -12.98
C PHE A 351 -2.86 13.53 -13.02
N LEU A 352 -1.74 13.02 -13.53
CA LEU A 352 -1.55 11.58 -13.62
C LEU A 352 -1.18 10.95 -12.28
N THR A 353 -0.38 11.62 -11.46
CA THR A 353 -0.09 11.07 -10.13
C THR A 353 -1.35 11.02 -9.26
N ALA A 354 -2.31 11.92 -9.51
CA ALA A 354 -3.54 11.90 -8.71
C ALA A 354 -4.36 10.65 -8.99
N HIS A 355 -4.40 10.20 -10.25
CA HIS A 355 -5.04 8.94 -10.58
C HIS A 355 -4.26 7.78 -9.98
N HIS A 356 -2.94 7.89 -9.98
CA HIS A 356 -2.10 6.88 -9.36
C HIS A 356 -2.38 6.77 -7.87
N GLU A 357 -2.33 7.90 -7.15
CA GLU A 357 -2.55 7.88 -5.72
C GLU A 357 -3.99 7.52 -5.37
N MET A 358 -4.96 7.91 -6.21
CA MET A 358 -6.33 7.51 -5.92
C MET A 358 -6.54 6.02 -6.19
N GLY A 359 -5.72 5.44 -7.08
CA GLY A 359 -5.73 4.00 -7.24
C GLY A 359 -5.35 3.27 -5.96
N HIS A 360 -4.34 3.78 -5.25
CA HIS A 360 -3.99 3.23 -3.94
C HIS A 360 -5.18 3.27 -3.00
N ILE A 361 -5.84 4.42 -2.91
CA ILE A 361 -7.00 4.59 -2.03
C ILE A 361 -8.12 3.62 -2.39
N GLN A 362 -8.30 3.33 -3.67
CA GLN A 362 -9.34 2.39 -4.06
C GLN A 362 -9.01 0.97 -3.58
N TYR A 363 -7.74 0.55 -3.71
CA TYR A 363 -7.30 -0.72 -3.14
C TYR A 363 -7.53 -0.75 -1.64
N ASP A 364 -7.16 0.33 -0.94
CA ASP A 364 -7.35 0.41 0.50
C ASP A 364 -8.81 0.26 0.88
N MET A 365 -9.70 0.98 0.20
CA MET A 365 -11.12 0.92 0.51
C MET A 365 -11.68 -0.47 0.29
N ALA A 366 -11.21 -1.17 -0.74
CA ALA A 366 -11.79 -2.46 -1.07
C ALA A 366 -11.48 -3.53 -0.02
N TYR A 367 -10.28 -3.53 0.56
CA TYR A 367 -9.91 -4.55 1.51
C TYR A 367 -10.07 -4.10 2.96
N ALA A 368 -10.74 -2.97 3.21
CA ALA A 368 -11.12 -2.62 4.58
C ALA A 368 -12.03 -3.67 5.20
N VAL A 369 -12.72 -4.48 4.38
CA VAL A 369 -13.55 -5.57 4.89
C VAL A 369 -12.71 -6.69 5.50
N GLN A 370 -11.42 -6.77 5.20
CA GLN A 370 -10.59 -7.84 5.72
C GLN A 370 -10.20 -7.57 7.17
N PRO A 371 -9.85 -8.62 7.91
CA PRO A 371 -9.25 -8.43 9.24
C PRO A 371 -7.99 -7.58 9.13
N TYR A 372 -7.63 -6.92 10.23
CA TYR A 372 -6.56 -5.94 10.21
C TYR A 372 -5.31 -6.47 9.50
N LEU A 373 -4.85 -7.66 9.88
CA LEU A 373 -3.58 -8.16 9.39
C LEU A 373 -3.59 -8.49 7.90
N LEU A 374 -4.76 -8.72 7.31
CA LEU A 374 -4.84 -9.02 5.89
C LEU A 374 -5.16 -7.79 5.05
N ARG A 375 -5.08 -6.60 5.63
CA ARG A 375 -5.41 -5.35 4.95
C ARG A 375 -4.17 -4.83 4.22
N ASN A 376 -3.87 -5.45 3.09
CA ASN A 376 -2.67 -5.07 2.36
C ASN A 376 -2.72 -5.65 0.95
N GLY A 377 -1.76 -5.25 0.13
CA GLY A 377 -1.64 -5.82 -1.20
C GLY A 377 -1.29 -7.30 -1.14
N ALA A 378 -1.76 -8.04 -2.14
CA ALA A 378 -1.61 -9.50 -2.15
C ALA A 378 -0.16 -9.91 -1.93
N ASN A 379 0.77 -9.26 -2.62
CA ASN A 379 2.16 -9.25 -2.21
C ASN A 379 2.71 -7.84 -2.40
N GLU A 380 4.02 -7.69 -2.14
CA GLU A 380 4.68 -6.39 -2.15
C GLU A 380 4.63 -5.69 -3.52
N GLY A 381 4.23 -6.39 -4.58
CA GLY A 381 4.22 -5.78 -5.89
C GLY A 381 2.88 -5.22 -6.31
N PHE A 382 1.80 -5.64 -5.64
CA PHE A 382 0.46 -5.39 -6.15
C PHE A 382 0.09 -3.92 -6.09
N HIS A 383 0.34 -3.27 -4.95
CA HIS A 383 -0.19 -1.91 -4.73
C HIS A 383 0.26 -0.96 -5.84
N GLU A 384 1.54 -0.98 -6.18
CA GLU A 384 2.02 -0.06 -7.21
C GLU A 384 1.51 -0.43 -8.58
N ALA A 385 1.48 -1.73 -8.89
CA ALA A 385 0.90 -2.17 -10.16
C ALA A 385 -0.50 -1.61 -10.34
N VAL A 386 -1.29 -1.58 -9.26
CA VAL A 386 -2.66 -1.07 -9.34
C VAL A 386 -2.66 0.43 -9.57
N GLY A 387 -1.85 1.16 -8.80
CA GLY A 387 -1.75 2.60 -9.03
C GLY A 387 -1.25 2.94 -10.42
N GLU A 388 -0.39 2.08 -10.98
CA GLU A 388 0.25 2.41 -12.25
C GLU A 388 -0.70 2.27 -13.43
N ILE A 389 -1.56 1.24 -13.43
CA ILE A 389 -2.47 1.06 -14.55
C ILE A 389 -3.52 2.17 -14.59
N MET A 390 -3.80 2.81 -13.46
CA MET A 390 -4.67 3.98 -13.49
C MET A 390 -4.00 5.11 -14.26
N SER A 391 -2.67 5.26 -14.07
CA SER A 391 -1.91 6.25 -14.86
C SER A 391 -1.93 5.90 -16.34
N LEU A 392 -1.73 4.62 -16.67
CA LEU A 392 -1.72 4.21 -18.07
C LEU A 392 -3.00 4.62 -18.76
N SER A 393 -4.15 4.36 -18.13
CA SER A 393 -5.44 4.71 -18.74
C SER A 393 -5.63 6.22 -18.81
N ALA A 394 -5.32 6.93 -17.72
CA ALA A 394 -5.59 8.36 -17.67
C ALA A 394 -4.77 9.14 -18.69
N ALA A 395 -3.61 8.62 -19.08
CA ALA A 395 -2.72 9.34 -19.98
C ALA A 395 -3.03 9.13 -21.45
N THR A 396 -3.79 8.09 -21.80
CA THR A 396 -4.02 7.79 -23.20
C THR A 396 -4.74 8.94 -23.89
N PRO A 397 -4.44 9.21 -25.17
CA PRO A 397 -5.12 10.31 -25.87
C PRO A 397 -6.62 10.13 -25.94
N ASN A 398 -7.10 8.89 -26.07
CA ASN A 398 -8.53 8.63 -26.02
C ASN A 398 -9.15 9.21 -24.76
N HIS A 399 -8.53 8.93 -23.60
CA HIS A 399 -9.09 9.44 -22.36
C HIS A 399 -9.00 10.95 -22.28
N LEU A 400 -7.87 11.54 -22.69
CA LEU A 400 -7.72 12.98 -22.63
C LEU A 400 -8.68 13.70 -23.55
N LYS A 401 -9.07 13.08 -24.67
CA LYS A 401 -10.09 13.66 -25.53
C LYS A 401 -11.46 13.61 -24.85
N ALA A 402 -11.80 12.47 -24.23
CA ALA A 402 -13.08 12.37 -23.54
C ALA A 402 -13.17 13.37 -22.40
N ILE A 403 -12.06 13.56 -21.67
CA ILE A 403 -12.03 14.53 -20.58
C ILE A 403 -12.10 15.95 -21.11
N GLY A 404 -11.72 16.17 -22.37
CA GLY A 404 -11.73 17.49 -22.95
C GLY A 404 -10.41 18.25 -22.94
N LEU A 405 -9.30 17.60 -22.55
CA LEU A 405 -7.99 18.23 -22.59
C LEU A 405 -7.32 18.09 -23.96
N LEU A 406 -7.88 17.26 -24.85
CA LEU A 406 -7.42 17.10 -26.21
C LEU A 406 -8.58 17.37 -27.17
N PRO A 407 -8.33 18.05 -28.29
CA PRO A 407 -9.42 18.38 -29.20
C PRO A 407 -10.04 17.11 -29.76
N PRO A 408 -11.35 17.13 -30.04
CA PRO A 408 -12.02 15.90 -30.50
C PRO A 408 -11.51 15.38 -31.84
N ASP A 409 -10.75 16.18 -32.58
CA ASP A 409 -10.20 15.77 -33.86
C ASP A 409 -8.75 15.33 -33.74
N PHE A 410 -8.22 15.24 -32.53
CA PHE A 410 -6.81 14.93 -32.33
C PHE A 410 -6.49 13.55 -32.89
N TYR A 411 -5.34 13.46 -33.56
CA TYR A 411 -4.84 12.22 -34.14
C TYR A 411 -3.39 12.07 -33.73
N GLU A 412 -3.01 10.89 -33.26
CA GLU A 412 -1.64 10.66 -32.85
C GLU A 412 -0.84 10.14 -34.04
N ASP A 413 0.22 10.86 -34.39
CA ASP A 413 1.10 10.44 -35.47
C ASP A 413 1.87 9.19 -35.05
N SER A 414 2.10 8.29 -36.01
CA SER A 414 2.94 7.12 -35.76
C SER A 414 4.27 7.52 -35.14
N GLU A 415 4.80 8.69 -35.53
CA GLU A 415 6.07 9.14 -34.98
C GLU A 415 5.91 9.55 -33.52
N THR A 416 4.87 10.31 -33.20
CA THR A 416 4.61 10.69 -31.81
C THR A 416 4.40 9.45 -30.94
N GLU A 417 3.78 8.41 -31.50
CA GLU A 417 3.52 7.20 -30.72
C GLU A 417 4.80 6.41 -30.49
N ILE A 418 5.70 6.39 -31.49
CA ILE A 418 7.00 5.75 -31.28
C ILE A 418 7.83 6.55 -30.28
N ASN A 419 7.79 7.88 -30.37
CA ASN A 419 8.45 8.72 -29.38
C ASN A 419 8.00 8.35 -27.97
N PHE A 420 6.71 8.10 -27.80
CA PHE A 420 6.15 7.86 -26.47
C PHE A 420 6.54 6.47 -25.95
N LEU A 421 6.38 5.44 -26.77
CA LEU A 421 6.78 4.10 -26.35
C LEU A 421 8.25 4.03 -26.01
N LEU A 422 9.09 4.73 -26.80
CA LEU A 422 10.53 4.72 -26.53
C LEU A 422 10.82 5.34 -25.17
N LYS A 423 10.16 6.45 -24.83
CA LYS A 423 10.35 7.03 -23.51
C LYS A 423 9.85 6.09 -22.42
N GLN A 424 8.71 5.43 -22.65
CA GLN A 424 8.25 4.41 -21.72
C GLN A 424 9.33 3.37 -21.49
N ALA A 425 9.95 2.89 -22.57
CA ALA A 425 10.91 1.80 -22.47
C ALA A 425 12.16 2.23 -21.71
N LEU A 426 12.64 3.46 -21.95
CA LEU A 426 13.83 3.94 -21.26
C LEU A 426 13.67 3.88 -19.75
N THR A 427 12.44 4.05 -19.26
CA THR A 427 12.14 3.93 -17.85
C THR A 427 11.75 2.51 -17.45
N ILE A 428 10.82 1.90 -18.19
CA ILE A 428 10.23 0.65 -17.75
C ILE A 428 11.09 -0.54 -18.17
N VAL A 429 11.48 -0.61 -19.45
CA VAL A 429 12.32 -1.71 -19.88
C VAL A 429 13.75 -1.52 -19.38
N GLY A 430 14.22 -0.27 -19.31
CA GLY A 430 15.60 -0.03 -18.95
C GLY A 430 15.96 -0.49 -17.56
N THR A 431 15.02 -0.44 -16.62
CA THR A 431 15.32 -0.81 -15.25
C THR A 431 15.23 -2.31 -14.98
N LEU A 432 14.61 -3.08 -15.88
CA LEU A 432 14.43 -4.50 -15.61
C LEU A 432 15.74 -5.27 -15.48
N PRO A 433 16.71 -5.15 -16.41
CA PRO A 433 17.98 -5.86 -16.18
C PRO A 433 18.73 -5.34 -14.97
N PHE A 434 18.76 -4.02 -14.79
CA PHE A 434 19.38 -3.43 -13.61
C PHE A 434 18.81 -4.03 -12.33
N THR A 435 17.48 -4.06 -12.22
CA THR A 435 16.82 -4.51 -11.00
C THR A 435 17.07 -6.00 -10.76
N TYR A 436 16.93 -6.82 -11.81
CA TYR A 436 17.17 -8.25 -11.67
C TYR A 436 18.61 -8.52 -11.27
N MET A 437 19.55 -7.88 -11.96
CA MET A 437 20.97 -8.15 -11.73
C MET A 437 21.40 -7.71 -10.33
N LEU A 438 20.89 -6.57 -9.86
CA LEU A 438 21.25 -6.12 -8.51
C LEU A 438 20.83 -7.17 -7.48
N GLU A 439 19.54 -7.53 -7.47
CA GLU A 439 19.07 -8.47 -6.48
C GLU A 439 19.65 -9.86 -6.67
N LYS A 440 19.97 -10.24 -7.91
CA LYS A 440 20.63 -11.53 -8.11
C LYS A 440 22.00 -11.55 -7.44
N TRP A 441 22.73 -10.43 -7.50
CA TRP A 441 24.00 -10.33 -6.79
C TRP A 441 23.79 -10.51 -5.28
N ARG A 442 22.89 -9.70 -4.71
CA ARG A 442 22.64 -9.77 -3.27
C ARG A 442 22.20 -11.18 -2.85
N TRP A 443 21.29 -11.78 -3.62
CA TRP A 443 20.85 -13.14 -3.33
C TRP A 443 22.03 -14.10 -3.27
N MET A 444 22.98 -13.95 -4.19
CA MET A 444 24.12 -14.86 -4.24
C MET A 444 25.14 -14.55 -3.15
N VAL A 445 25.24 -13.29 -2.73
CA VAL A 445 26.12 -12.94 -1.63
C VAL A 445 25.59 -13.50 -0.32
N PHE A 446 24.32 -13.25 -0.02
CA PHE A 446 23.68 -13.83 1.16
C PHE A 446 23.77 -15.35 1.14
N LYS A 447 23.69 -15.96 -0.04
CA LYS A 447 23.79 -17.41 -0.18
C LYS A 447 25.21 -17.92 0.04
N GLY A 448 26.20 -17.04 0.03
CA GLY A 448 27.58 -17.47 0.13
C GLY A 448 28.20 -17.95 -1.16
N GLU A 449 27.53 -17.73 -2.30
CA GLU A 449 28.07 -18.12 -3.59
C GLU A 449 29.05 -17.11 -4.16
N ILE A 450 29.09 -15.90 -3.63
CA ILE A 450 30.10 -14.91 -4.00
C ILE A 450 30.95 -14.58 -2.76
N PRO A 451 32.15 -15.17 -2.65
CA PRO A 451 33.03 -14.83 -1.52
C PRO A 451 33.47 -13.37 -1.59
N LYS A 452 33.82 -12.84 -0.42
CA LYS A 452 34.15 -11.41 -0.31
C LYS A 452 35.33 -11.04 -1.21
N GLU A 453 36.25 -11.98 -1.45
CA GLU A 453 37.37 -11.73 -2.34
C GLU A 453 36.97 -11.58 -3.80
N GLU A 454 35.72 -11.93 -4.14
CA GLU A 454 35.22 -11.83 -5.51
C GLU A 454 34.00 -10.94 -5.63
N TRP A 455 33.65 -10.20 -4.57
CA TRP A 455 32.43 -9.40 -4.56
C TRP A 455 32.39 -8.43 -5.75
N MET A 456 33.40 -7.55 -5.85
CA MET A 456 33.40 -6.58 -6.93
C MET A 456 33.75 -7.24 -8.26
N LYS A 457 34.50 -8.34 -8.23
CA LYS A 457 34.75 -9.08 -9.47
C LYS A 457 33.45 -9.59 -10.06
N LYS A 458 32.59 -10.18 -9.22
CA LYS A 458 31.33 -10.72 -9.74
C LYS A 458 30.30 -9.64 -10.00
N TRP A 459 30.29 -8.57 -9.20
CA TRP A 459 29.37 -7.47 -9.48
C TRP A 459 29.53 -6.97 -10.90
N TRP A 460 30.76 -6.76 -11.34
CA TRP A 460 30.98 -6.21 -12.66
C TRP A 460 30.96 -7.26 -13.75
N GLU A 461 31.23 -8.52 -13.42
CA GLU A 461 30.95 -9.59 -14.38
C GLU A 461 29.48 -9.64 -14.72
N MET A 462 28.61 -9.64 -13.71
CA MET A 462 27.16 -9.69 -13.97
C MET A 462 26.64 -8.38 -14.55
N LYS A 463 27.20 -7.24 -14.17
CA LYS A 463 26.75 -6.00 -14.80
C LYS A 463 27.11 -5.98 -16.28
N ARG A 464 28.27 -6.54 -16.64
CA ARG A 464 28.63 -6.65 -18.05
C ARG A 464 27.72 -7.62 -18.78
N GLU A 465 27.53 -8.83 -18.22
CA GLU A 465 26.86 -9.87 -18.98
C GLU A 465 25.34 -9.69 -18.98
N ILE A 466 24.76 -9.33 -17.84
CA ILE A 466 23.31 -9.22 -17.73
C ILE A 466 22.80 -7.87 -18.21
N VAL A 467 23.43 -6.79 -17.73
CA VAL A 467 22.93 -5.45 -18.01
C VAL A 467 23.54 -4.84 -19.27
N GLY A 468 24.66 -5.37 -19.76
CA GLY A 468 25.33 -4.74 -20.88
C GLY A 468 25.99 -3.44 -20.52
N VAL A 469 26.46 -3.31 -19.28
CA VAL A 469 27.01 -2.07 -18.75
C VAL A 469 28.38 -2.38 -18.17
N VAL A 470 29.36 -1.50 -18.45
CA VAL A 470 30.74 -1.75 -18.10
C VAL A 470 31.27 -0.58 -17.29
N GLU A 471 32.06 -0.88 -16.27
CA GLU A 471 32.62 0.14 -15.40
C GLU A 471 33.66 0.96 -16.15
N PRO A 472 33.67 2.29 -15.98
CA PRO A 472 34.68 3.11 -16.67
C PRO A 472 36.06 3.05 -16.01
N VAL A 473 36.15 2.60 -14.77
CA VAL A 473 37.41 2.46 -14.04
C VAL A 473 37.41 1.08 -13.39
N PRO A 474 38.52 0.34 -13.44
CA PRO A 474 38.58 -0.91 -12.67
C PRO A 474 38.33 -0.65 -11.19
N HIS A 475 37.73 -1.63 -10.52
CA HIS A 475 37.35 -1.49 -9.12
C HIS A 475 37.76 -2.76 -8.39
N ASP A 476 38.78 -2.66 -7.53
CA ASP A 476 39.22 -3.80 -6.73
C ASP A 476 38.26 -4.03 -5.58
N GLU A 477 38.63 -4.91 -4.64
CA GLU A 477 37.74 -5.25 -3.55
C GLU A 477 37.76 -4.24 -2.41
N THR A 478 38.47 -3.12 -2.56
CA THR A 478 38.26 -2.02 -1.62
C THR A 478 36.93 -1.33 -1.86
N TYR A 479 36.32 -1.54 -3.03
CA TYR A 479 35.06 -0.90 -3.41
C TYR A 479 33.86 -1.71 -2.93
N CYS A 480 32.72 -1.02 -2.84
CA CYS A 480 31.43 -1.65 -2.57
C CYS A 480 30.36 -0.85 -3.30
N ASP A 481 30.35 -0.96 -4.62
CA ASP A 481 29.49 -0.16 -5.48
C ASP A 481 28.01 -0.49 -5.33
N PRO A 482 27.61 -1.76 -5.10
CA PRO A 482 26.20 -2.00 -4.79
C PRO A 482 25.70 -1.19 -3.61
N ALA A 483 26.46 -1.16 -2.50
CA ALA A 483 26.06 -0.37 -1.34
C ALA A 483 25.96 1.12 -1.65
N ALA A 484 26.54 1.57 -2.76
CA ALA A 484 26.45 2.96 -3.15
C ALA A 484 25.09 3.35 -3.72
N LEU A 485 24.11 2.44 -3.70
CA LEU A 485 22.73 2.75 -4.06
C LEU A 485 21.88 2.74 -2.81
N PHE A 486 20.94 3.68 -2.73
CA PHE A 486 20.16 3.92 -1.52
C PHE A 486 19.60 2.64 -0.92
N HIS A 487 18.92 1.83 -1.74
CA HIS A 487 18.20 0.67 -1.20
C HIS A 487 19.14 -0.36 -0.60
N VAL A 488 20.35 -0.49 -1.15
CA VAL A 488 21.27 -1.50 -0.64
C VAL A 488 21.87 -1.06 0.69
N ALA A 489 22.24 0.23 0.80
CA ALA A 489 22.78 0.76 2.04
C ALA A 489 21.72 0.92 3.12
N ASN A 490 20.43 0.93 2.76
CA ASN A 490 19.36 1.14 3.72
C ASN A 490 18.50 -0.10 3.93
N ASP A 491 18.98 -1.27 3.51
CA ASP A 491 18.40 -2.57 3.89
C ASP A 491 16.96 -2.73 3.41
N TYR A 492 16.73 -2.44 2.13
CA TYR A 492 15.46 -2.69 1.49
C TYR A 492 15.65 -3.72 0.38
N SER A 493 14.72 -4.67 0.29
CA SER A 493 14.73 -5.57 -0.85
C SER A 493 14.37 -4.81 -2.13
N PHE A 494 14.76 -5.39 -3.27
CA PHE A 494 14.70 -4.70 -4.55
C PHE A 494 13.84 -5.39 -5.59
N ILE A 495 13.59 -6.70 -5.47
CA ILE A 495 12.91 -7.45 -6.51
C ILE A 495 11.51 -6.93 -6.79
N ARG A 496 10.93 -6.18 -5.85
CA ARG A 496 9.57 -5.65 -6.03
C ARG A 496 9.46 -4.81 -7.29
N TYR A 497 10.53 -4.08 -7.63
CA TYR A 497 10.49 -3.24 -8.82
C TYR A 497 10.43 -4.07 -10.08
N TYR A 498 10.99 -5.28 -10.05
CA TYR A 498 10.86 -6.20 -11.17
C TYR A 498 9.45 -6.76 -11.25
N THR A 499 8.94 -7.32 -10.16
CA THR A 499 7.70 -8.08 -10.21
C THR A 499 6.50 -7.17 -10.48
N ARG A 500 6.48 -5.98 -9.87
CA ARG A 500 5.35 -5.07 -10.09
C ARG A 500 5.29 -4.58 -11.53
N THR A 501 6.44 -4.46 -12.20
CA THR A 501 6.43 -4.09 -13.61
C THR A 501 5.71 -5.15 -14.45
N ILE A 502 5.93 -6.42 -14.12
CA ILE A 502 5.27 -7.50 -14.87
C ILE A 502 3.78 -7.55 -14.53
N TYR A 503 3.45 -7.50 -13.24
CA TYR A 503 2.04 -7.48 -12.83
C TYR A 503 1.26 -6.39 -13.53
N GLN A 504 1.85 -5.19 -13.60
CA GLN A 504 1.11 -4.01 -14.04
C GLN A 504 0.61 -4.16 -15.48
N PHE A 505 1.38 -4.83 -16.34
CA PHE A 505 0.91 -5.03 -17.71
C PHE A 505 -0.02 -6.24 -17.81
N GLN A 506 0.17 -7.23 -16.94
CA GLN A 506 -0.81 -8.31 -16.85
C GLN A 506 -2.18 -7.77 -16.44
N PHE A 507 -2.21 -6.97 -15.36
CA PHE A 507 -3.45 -6.33 -14.95
C PHE A 507 -4.07 -5.55 -16.11
N GLN A 508 -3.28 -4.67 -16.73
CA GLN A 508 -3.84 -3.78 -17.74
C GLN A 508 -4.37 -4.57 -18.93
N GLU A 509 -3.67 -5.62 -19.36
CA GLU A 509 -4.15 -6.37 -20.51
C GLU A 509 -5.46 -7.09 -20.19
N ALA A 510 -5.57 -7.67 -18.99
CA ALA A 510 -6.75 -8.44 -18.65
C ALA A 510 -7.98 -7.55 -18.55
N LEU A 511 -7.82 -6.34 -18.00
CA LEU A 511 -8.94 -5.41 -17.92
C LEU A 511 -9.31 -4.90 -19.31
N CYS A 512 -8.30 -4.63 -20.15
CA CYS A 512 -8.57 -4.14 -21.49
C CYS A 512 -9.29 -5.19 -22.33
N GLN A 513 -8.94 -6.47 -22.15
CA GLN A 513 -9.66 -7.52 -22.83
C GLN A 513 -11.09 -7.63 -22.30
N THR A 514 -11.28 -7.36 -21.01
CA THR A 514 -12.62 -7.38 -20.43
C THR A 514 -13.48 -6.25 -20.97
N ALA A 515 -12.89 -5.06 -21.12
CA ALA A 515 -13.57 -3.92 -21.72
C ALA A 515 -13.70 -4.02 -23.23
N LYS A 516 -13.19 -5.10 -23.82
CA LYS A 516 -13.27 -5.34 -25.26
C LYS A 516 -12.70 -4.16 -26.05
N HIS A 517 -11.60 -3.60 -25.55
CA HIS A 517 -10.86 -2.61 -26.31
C HIS A 517 -10.12 -3.29 -27.46
N GLU A 518 -10.31 -2.81 -28.67
CA GLU A 518 -9.57 -3.32 -29.81
C GLU A 518 -8.47 -2.34 -30.17
N GLY A 519 -7.36 -2.87 -30.67
CA GLY A 519 -6.23 -2.06 -31.02
C GLY A 519 -5.05 -2.28 -30.10
N PRO A 520 -4.00 -1.49 -30.29
CA PRO A 520 -2.76 -1.71 -29.52
C PRO A 520 -2.98 -1.52 -28.04
N LEU A 521 -2.37 -2.42 -27.24
CA LEU A 521 -2.55 -2.38 -25.80
C LEU A 521 -2.18 -1.02 -25.22
N HIS A 522 -1.16 -0.36 -25.78
CA HIS A 522 -0.67 0.88 -25.21
C HIS A 522 -1.63 2.05 -25.42
N LYS A 523 -2.67 1.89 -26.21
CA LYS A 523 -3.66 2.94 -26.41
C LYS A 523 -4.93 2.71 -25.61
N CYS A 524 -5.00 1.64 -24.85
CA CYS A 524 -6.24 1.22 -24.21
C CYS A 524 -6.56 2.09 -23.00
N ASP A 525 -7.84 2.42 -22.87
CA ASP A 525 -8.39 3.16 -21.74
C ASP A 525 -9.57 2.35 -21.20
N ILE A 526 -9.53 2.01 -19.91
CA ILE A 526 -10.58 1.17 -19.33
C ILE A 526 -11.80 1.96 -18.91
N SER A 527 -11.80 3.29 -19.08
CA SER A 527 -12.92 4.11 -18.67
C SER A 527 -14.23 3.59 -19.23
N ASN A 528 -15.29 3.73 -18.42
CA ASN A 528 -16.68 3.41 -18.77
C ASN A 528 -16.95 1.92 -18.89
N SER A 529 -16.01 1.07 -18.51
CA SER A 529 -16.22 -0.38 -18.49
C SER A 529 -16.51 -0.81 -17.06
N THR A 530 -17.78 -1.05 -16.75
CA THR A 530 -18.11 -1.56 -15.43
C THR A 530 -17.76 -3.04 -15.29
N GLU A 531 -17.71 -3.77 -16.41
CA GLU A 531 -17.19 -5.12 -16.39
C GLU A 531 -15.74 -5.14 -15.92
N ALA A 532 -14.92 -4.24 -16.46
CA ALA A 532 -13.52 -4.17 -16.05
C ALA A 532 -13.41 -3.83 -14.57
N GLY A 533 -14.27 -2.92 -14.08
CA GLY A 533 -14.22 -2.56 -12.67
C GLY A 533 -14.53 -3.73 -11.76
N GLN A 534 -15.53 -4.54 -12.12
CA GLN A 534 -15.88 -5.70 -11.31
C GLN A 534 -14.75 -6.70 -11.24
N LYS A 535 -14.16 -7.03 -12.39
CA LYS A 535 -13.02 -7.95 -12.40
C LYS A 535 -11.88 -7.41 -11.54
N LEU A 536 -11.67 -6.09 -11.59
CA LEU A 536 -10.65 -5.47 -10.74
C LEU A 536 -10.98 -5.63 -9.26
N LEU A 537 -12.23 -5.36 -8.89
CA LEU A 537 -12.64 -5.44 -7.49
C LEU A 537 -12.54 -6.87 -6.95
N GLN A 538 -12.71 -7.87 -7.82
CA GLN A 538 -12.56 -9.26 -7.42
C GLN A 538 -11.22 -9.51 -6.75
N MET A 539 -10.18 -8.81 -7.21
CA MET A 539 -8.84 -8.94 -6.67
C MET A 539 -8.59 -7.98 -5.51
N LEU A 540 -8.97 -6.71 -5.67
CA LEU A 540 -8.65 -5.70 -4.67
C LEU A 540 -9.27 -6.02 -3.31
N SER A 541 -10.52 -6.50 -3.32
CA SER A 541 -11.22 -6.76 -2.07
C SER A 541 -10.58 -7.86 -1.24
N LEU A 542 -9.76 -8.72 -1.87
CA LEU A 542 -9.14 -9.83 -1.15
C LEU A 542 -8.05 -9.36 -0.20
N GLY A 543 -7.44 -8.21 -0.46
CA GLY A 543 -6.28 -7.82 0.30
C GLY A 543 -5.23 -8.91 0.28
N LYS A 544 -4.61 -9.14 1.43
CA LYS A 544 -3.63 -10.21 1.62
C LYS A 544 -4.27 -11.47 2.21
N SER A 545 -5.57 -11.65 2.05
CA SER A 545 -6.27 -12.77 2.68
C SER A 545 -6.15 -14.07 1.89
N GLU A 546 -5.66 -14.04 0.66
CA GLU A 546 -5.45 -15.22 -0.15
C GLU A 546 -4.01 -15.28 -0.63
N PRO A 547 -3.54 -16.45 -1.06
CA PRO A 547 -2.26 -16.50 -1.77
C PRO A 547 -2.27 -15.51 -2.91
N TRP A 548 -1.14 -14.83 -3.13
CA TRP A 548 -1.07 -13.88 -4.23
C TRP A 548 -1.31 -14.57 -5.57
N THR A 549 -1.03 -15.87 -5.65
CA THR A 549 -1.28 -16.62 -6.87
C THR A 549 -2.77 -16.62 -7.22
N LEU A 550 -3.63 -16.75 -6.21
CA LEU A 550 -5.07 -16.76 -6.43
C LEU A 550 -5.59 -15.34 -6.67
N ALA A 551 -5.10 -14.38 -5.89
CA ALA A 551 -5.41 -12.97 -6.16
C ALA A 551 -5.05 -12.60 -7.60
N LEU A 552 -3.89 -13.06 -8.07
CA LEU A 552 -3.51 -12.82 -9.46
C LEU A 552 -4.49 -13.48 -10.42
N GLU A 553 -4.86 -14.73 -10.14
CA GLU A 553 -5.79 -15.45 -11.02
C GLU A 553 -7.14 -14.77 -11.10
N ARG A 554 -7.58 -14.13 -10.03
CA ARG A 554 -8.91 -13.52 -10.01
C ARG A 554 -9.05 -12.43 -11.06
N ILE A 555 -7.98 -11.68 -11.31
CA ILE A 555 -8.03 -10.57 -12.24
C ILE A 555 -7.50 -10.95 -13.62
N VAL A 556 -6.43 -11.73 -13.71
CA VAL A 556 -5.78 -11.97 -15.01
C VAL A 556 -5.94 -13.41 -15.52
N GLY A 557 -6.49 -14.33 -14.73
CA GLY A 557 -6.81 -15.66 -15.23
C GLY A 557 -5.72 -16.70 -15.12
N VAL A 558 -4.48 -16.30 -14.77
CA VAL A 558 -3.39 -17.24 -14.55
C VAL A 558 -2.81 -16.94 -13.18
N LYS A 559 -2.02 -17.87 -12.65
CA LYS A 559 -1.54 -17.80 -11.27
C LYS A 559 -0.03 -17.56 -11.17
N ASN A 560 0.59 -16.95 -12.18
CA ASN A 560 2.02 -16.68 -12.13
C ASN A 560 2.35 -15.51 -13.04
N MET A 561 3.58 -15.02 -12.92
CA MET A 561 4.08 -13.98 -13.81
C MET A 561 4.13 -14.46 -15.26
N ASP A 562 3.72 -13.57 -16.16
CA ASP A 562 3.77 -13.82 -17.60
C ASP A 562 4.12 -12.50 -18.26
N VAL A 563 5.20 -12.48 -19.06
CA VAL A 563 5.69 -11.23 -19.63
C VAL A 563 5.08 -10.90 -20.98
N ARG A 564 4.22 -11.76 -21.52
CA ARG A 564 3.61 -11.46 -22.81
C ARG A 564 2.84 -10.14 -22.82
N PRO A 565 2.06 -9.79 -21.78
CA PRO A 565 1.44 -8.45 -21.82
C PRO A 565 2.45 -7.31 -21.89
N LEU A 566 3.58 -7.43 -21.18
CA LEU A 566 4.63 -6.41 -21.30
C LEU A 566 5.16 -6.35 -22.72
N LEU A 567 5.45 -7.51 -23.31
CA LEU A 567 5.96 -7.53 -24.68
C LEU A 567 4.90 -7.02 -25.65
N ASN A 568 3.64 -7.39 -25.42
CA ASN A 568 2.56 -6.91 -26.29
C ASN A 568 2.43 -5.39 -26.23
N TYR A 569 2.59 -4.82 -25.03
CA TYR A 569 2.55 -3.37 -24.88
C TYR A 569 3.55 -2.68 -25.79
N PHE A 570 4.78 -3.22 -25.83
CA PHE A 570 5.89 -2.58 -26.56
C PHE A 570 6.12 -3.16 -27.95
N GLU A 571 5.24 -4.05 -28.43
CA GLU A 571 5.49 -4.63 -29.75
C GLU A 571 5.63 -3.60 -30.85
N PRO A 572 4.84 -2.52 -30.91
CA PRO A 572 5.14 -1.47 -31.91
C PRO A 572 6.57 -0.96 -31.84
N LEU A 573 7.05 -0.63 -30.64
CA LEU A 573 8.44 -0.15 -30.52
C LEU A 573 9.43 -1.24 -30.88
N PHE A 574 9.11 -2.50 -30.57
CA PHE A 574 10.01 -3.61 -30.84
C PHE A 574 10.30 -3.74 -32.34
N THR A 575 9.24 -3.81 -33.16
CA THR A 575 9.48 -3.98 -34.59
C THR A 575 10.12 -2.74 -35.20
N TRP A 576 9.85 -1.56 -34.64
CA TRP A 576 10.58 -0.37 -35.07
C TRP A 576 12.07 -0.46 -34.72
N LEU A 577 12.37 -0.94 -33.51
CA LEU A 577 13.78 -1.01 -33.07
C LEU A 577 14.57 -2.00 -33.89
N LYS A 578 13.97 -3.14 -34.26
CA LYS A 578 14.67 -4.12 -35.08
C LYS A 578 15.07 -3.51 -36.42
N ASP A 579 14.16 -2.75 -37.04
CA ASP A 579 14.46 -2.08 -38.28
C ASP A 579 15.63 -1.10 -38.11
N GLN A 580 15.54 -0.25 -37.08
CA GLN A 580 16.63 0.68 -36.79
C GLN A 580 17.96 -0.03 -36.61
N ASN A 581 17.95 -1.19 -35.96
CA ASN A 581 19.17 -1.87 -35.60
C ASN A 581 19.72 -2.76 -36.72
N LYS A 582 19.02 -2.85 -37.86
CA LYS A 582 19.32 -3.90 -38.83
C LYS A 582 20.76 -3.83 -39.34
N ASN A 583 21.36 -2.64 -39.37
CA ASN A 583 22.72 -2.46 -39.86
C ASN A 583 23.72 -2.26 -38.73
N SER A 584 23.34 -2.54 -37.49
CA SER A 584 24.21 -2.44 -36.33
C SER A 584 24.29 -3.80 -35.64
N PHE A 585 25.27 -3.94 -34.76
CA PHE A 585 25.34 -5.12 -33.91
C PHE A 585 24.29 -5.04 -32.80
N VAL A 586 23.72 -6.18 -32.46
CA VAL A 586 22.74 -6.29 -31.39
C VAL A 586 23.24 -7.31 -30.39
N GLY A 587 23.31 -6.91 -29.12
CA GLY A 587 24.07 -7.61 -28.13
C GLY A 587 25.37 -6.87 -27.85
N TRP A 588 26.21 -7.49 -27.03
CA TRP A 588 27.40 -6.79 -26.58
C TRP A 588 28.45 -7.80 -26.14
N SER A 589 29.72 -7.41 -26.31
CA SER A 589 30.83 -8.19 -25.79
C SER A 589 31.06 -7.83 -24.32
N THR A 590 31.34 -8.86 -23.52
CA THR A 590 31.60 -8.69 -22.10
C THR A 590 33.07 -8.43 -21.80
N ASN A 591 33.90 -8.23 -22.82
CA ASN A 591 35.34 -8.07 -22.63
C ASN A 591 35.82 -6.63 -22.80
N TRP A 592 35.26 -5.89 -23.75
CA TRP A 592 35.70 -4.51 -23.96
C TRP A 592 35.45 -3.66 -22.72
N SER A 593 36.47 -2.92 -22.31
CA SER A 593 36.45 -1.96 -21.22
C SER A 593 36.77 -0.58 -21.78
N PRO A 594 36.19 0.49 -21.22
CA PRO A 594 36.64 1.84 -21.62
C PRO A 594 38.09 2.12 -21.24
N TYR A 595 38.68 1.29 -20.39
CA TYR A 595 40.03 1.50 -19.88
C TYR A 595 41.01 0.43 -20.37
N ALA A 596 40.62 -0.38 -21.36
CA ALA A 596 41.44 -1.53 -21.75
C ALA A 596 42.80 -1.10 -22.29
N HIS A 597 42.83 -0.02 -23.06
CA HIS A 597 44.09 0.51 -23.59
C HIS A 597 45.06 0.93 -22.48
N CYS B 18 -46.48 11.63 26.59
CA CYS B 18 -45.40 10.75 27.02
C CYS B 18 -44.06 11.41 26.77
N PRO B 19 -43.07 11.04 27.54
CA PRO B 19 -41.81 11.80 27.53
C PRO B 19 -40.68 11.15 26.73
N PHE B 20 -40.92 10.91 25.43
CA PHE B 20 -39.87 10.44 24.54
C PHE B 20 -38.71 11.41 24.45
N GLY B 21 -38.88 12.64 24.93
CA GLY B 21 -37.85 13.66 24.74
C GLY B 21 -36.72 13.55 25.76
N GLU B 22 -36.93 12.90 26.91
CA GLU B 22 -35.82 12.69 27.83
C GLU B 22 -34.96 11.50 27.48
N VAL B 23 -35.47 10.56 26.67
CA VAL B 23 -34.64 9.45 26.22
C VAL B 23 -33.89 9.88 24.97
N PHE B 24 -34.63 10.19 23.90
CA PHE B 24 -34.02 10.57 22.62
C PHE B 24 -33.07 11.76 22.81
N ASN B 25 -33.60 12.91 23.20
CA ASN B 25 -32.77 14.09 23.31
C ASN B 25 -31.98 14.15 24.64
N ALA B 26 -31.75 12.99 25.28
CA ALA B 26 -30.93 12.93 26.47
C ALA B 26 -29.51 13.42 26.18
N THR B 27 -28.92 14.07 27.18
CA THR B 27 -27.55 14.56 27.03
C THR B 27 -26.57 13.41 26.88
N ARG B 28 -26.49 12.55 27.89
CA ARG B 28 -25.51 11.47 27.93
C ARG B 28 -26.17 10.15 27.55
N PHE B 29 -25.42 9.30 26.85
CA PHE B 29 -25.88 7.99 26.43
C PHE B 29 -25.00 6.90 27.02
N ALA B 30 -25.52 5.68 27.02
CA ALA B 30 -24.83 4.58 27.65
C ALA B 30 -23.96 3.83 26.65
N SER B 31 -22.87 3.25 27.14
CA SER B 31 -22.17 2.23 26.37
C SER B 31 -23.12 1.07 26.08
N VAL B 32 -22.88 0.39 24.97
CA VAL B 32 -23.83 -0.64 24.53
C VAL B 32 -23.92 -1.77 25.53
N TYR B 33 -22.82 -2.07 26.24
CA TYR B 33 -22.84 -3.23 27.13
C TYR B 33 -23.66 -2.96 28.39
N ALA B 34 -23.71 -1.71 28.85
CA ALA B 34 -24.50 -1.34 30.01
C ALA B 34 -25.72 -0.53 29.60
N TRP B 35 -26.45 -1.01 28.61
CA TRP B 35 -27.49 -0.21 27.95
C TRP B 35 -28.58 0.21 28.94
N ASN B 36 -29.10 1.41 28.72
CA ASN B 36 -30.14 2.00 29.56
C ASN B 36 -31.52 1.56 29.13
N ARG B 37 -32.44 1.54 30.09
CA ARG B 37 -33.84 1.21 29.83
C ARG B 37 -34.73 2.15 30.60
N LYS B 38 -35.70 2.73 29.91
CA LYS B 38 -36.69 3.63 30.52
C LYS B 38 -38.07 3.08 30.23
N ARG B 39 -38.90 3.02 31.28
CA ARG B 39 -40.27 2.55 31.15
C ARG B 39 -41.18 3.71 30.77
N ILE B 40 -41.98 3.50 29.72
CA ILE B 40 -42.94 4.50 29.26
C ILE B 40 -44.32 3.86 29.42
N SER B 41 -45.06 4.33 30.42
CA SER B 41 -46.42 3.85 30.67
C SER B 41 -47.22 5.00 31.27
N ASN B 42 -48.55 4.84 31.21
CA ASN B 42 -49.49 5.88 31.66
C ASN B 42 -49.25 7.19 30.89
N CYS B 43 -49.41 7.11 29.57
CA CYS B 43 -48.75 8.11 28.74
C CYS B 43 -49.49 8.38 27.44
N VAL B 44 -49.69 9.67 27.16
CA VAL B 44 -50.19 10.15 25.88
C VAL B 44 -49.08 10.01 24.85
N ALA B 45 -49.29 9.14 23.85
CA ALA B 45 -48.20 8.62 23.03
C ALA B 45 -48.30 9.17 21.61
N ASP B 46 -47.42 10.10 21.27
CA ASP B 46 -47.37 10.71 19.94
C ASP B 46 -46.15 10.17 19.18
N TYR B 47 -46.41 9.28 18.22
CA TYR B 47 -45.37 8.69 17.38
C TYR B 47 -45.15 9.45 16.09
N SER B 48 -46.04 10.38 15.74
CA SER B 48 -45.84 11.19 14.55
C SER B 48 -44.58 12.05 14.66
N VAL B 49 -44.34 12.63 15.84
CA VAL B 49 -43.16 13.49 16.02
C VAL B 49 -41.89 12.72 15.72
N LEU B 50 -41.86 11.43 16.03
CA LEU B 50 -40.67 10.62 15.78
C LEU B 50 -40.45 10.41 14.29
N TYR B 51 -41.44 9.85 13.58
CA TYR B 51 -41.22 9.61 12.15
C TYR B 51 -41.34 10.88 11.32
N ASN B 52 -41.61 12.03 11.94
CA ASN B 52 -41.54 13.30 11.21
C ASN B 52 -40.14 13.88 11.23
N SER B 53 -39.41 13.73 12.33
CA SER B 53 -38.00 14.13 12.36
C SER B 53 -37.23 13.27 11.35
N ALA B 54 -36.50 13.94 10.44
CA ALA B 54 -35.70 13.27 9.42
C ALA B 54 -34.22 13.18 9.80
N SER B 55 -33.87 13.55 11.03
CA SER B 55 -32.50 13.33 11.51
C SER B 55 -32.15 11.85 11.57
N PHE B 56 -33.14 11.01 11.88
CA PHE B 56 -32.89 9.59 12.06
C PHE B 56 -32.47 8.94 10.75
N SER B 57 -31.37 8.16 10.80
CA SER B 57 -30.84 7.44 9.66
C SER B 57 -31.41 6.03 9.54
N THR B 58 -31.77 5.40 10.66
CA THR B 58 -32.47 4.13 10.68
C THR B 58 -33.79 4.32 11.41
N PHE B 59 -34.86 3.73 10.86
CA PHE B 59 -36.18 3.72 11.50
C PHE B 59 -36.93 2.49 10.98
N LYS B 60 -36.42 1.30 11.32
CA LYS B 60 -37.08 0.06 10.98
C LYS B 60 -38.01 -0.36 12.10
N CYS B 61 -39.20 -0.82 11.73
CA CYS B 61 -40.19 -1.28 12.70
C CYS B 61 -40.52 -2.74 12.44
N TYR B 62 -40.83 -3.46 13.51
CA TYR B 62 -41.02 -4.90 13.46
C TYR B 62 -42.34 -5.24 14.13
N GLY B 63 -43.24 -5.87 13.37
CA GLY B 63 -44.59 -6.09 13.83
C GLY B 63 -45.51 -4.95 13.45
N VAL B 64 -45.34 -3.82 14.12
CA VAL B 64 -46.19 -2.65 13.93
C VAL B 64 -45.71 -1.86 12.71
N SER B 65 -46.65 -1.20 12.03
CA SER B 65 -46.39 -0.29 10.92
C SER B 65 -46.11 1.12 11.44
N PRO B 66 -45.16 1.83 10.82
CA PRO B 66 -44.68 3.09 11.41
C PRO B 66 -45.77 4.15 11.58
N THR B 67 -46.57 4.40 10.54
CA THR B 67 -47.68 5.34 10.68
C THR B 67 -48.80 4.71 11.51
N LYS B 68 -49.19 3.48 11.18
CA LYS B 68 -50.20 2.75 11.93
C LYS B 68 -49.86 2.63 13.41
N LEU B 69 -48.60 2.89 13.79
CA LEU B 69 -48.21 2.88 15.19
C LEU B 69 -48.93 3.95 16.00
N ASN B 70 -49.21 5.10 15.38
CA ASN B 70 -49.76 6.24 16.11
C ASN B 70 -51.18 5.99 16.62
N ASP B 71 -51.86 4.94 16.16
CA ASP B 71 -53.23 4.65 16.60
C ASP B 71 -53.36 3.35 17.37
N LEU B 72 -52.27 2.64 17.62
CA LEU B 72 -52.33 1.44 18.46
C LEU B 72 -52.04 1.81 19.91
N CYS B 73 -52.67 1.07 20.81
CA CYS B 73 -52.45 1.22 22.24
C CYS B 73 -51.84 -0.05 22.79
N PHE B 74 -50.96 0.09 23.77
CA PHE B 74 -50.10 -1.00 24.21
C PHE B 74 -50.07 -1.07 25.72
N THR B 75 -49.64 -2.24 26.22
CA THR B 75 -49.65 -2.50 27.66
C THR B 75 -48.51 -1.80 28.40
N ASN B 76 -47.37 -1.63 27.74
CA ASN B 76 -46.26 -0.84 28.25
C ASN B 76 -45.26 -0.63 27.12
N VAL B 77 -44.37 0.33 27.31
CA VAL B 77 -43.36 0.67 26.32
C VAL B 77 -42.01 0.79 27.02
N TYR B 78 -41.00 0.09 26.50
CA TYR B 78 -39.64 0.21 26.96
C TYR B 78 -38.79 0.92 25.91
N ALA B 79 -37.94 1.83 26.37
CA ALA B 79 -37.05 2.60 25.50
C ALA B 79 -35.61 2.33 25.91
N ASP B 80 -34.96 1.42 25.19
CA ASP B 80 -33.55 1.09 25.44
C ASP B 80 -32.66 1.98 24.58
N SER B 81 -31.64 2.57 25.21
CA SER B 81 -30.77 3.54 24.54
C SER B 81 -29.30 3.21 24.77
N PHE B 82 -28.50 3.30 23.71
CA PHE B 82 -27.07 3.04 23.78
C PHE B 82 -26.39 3.66 22.56
N VAL B 83 -25.07 3.58 22.57
CA VAL B 83 -24.22 4.08 21.49
C VAL B 83 -23.43 2.92 20.92
N ILE B 84 -23.35 2.85 19.59
CA ILE B 84 -22.53 1.86 18.90
C ILE B 84 -21.84 2.53 17.73
N ARG B 85 -21.19 1.71 16.91
CA ARG B 85 -20.54 2.13 15.68
C ARG B 85 -21.54 2.03 14.53
N GLY B 86 -21.34 2.90 13.52
CA GLY B 86 -22.24 2.89 12.37
C GLY B 86 -22.33 1.54 11.69
N ASP B 87 -21.21 0.81 11.65
CA ASP B 87 -21.16 -0.50 11.01
C ASP B 87 -22.03 -1.52 11.72
N GLU B 88 -22.41 -1.26 12.98
CA GLU B 88 -23.06 -2.26 13.81
C GLU B 88 -24.55 -2.00 13.98
N VAL B 89 -25.08 -0.90 13.44
CA VAL B 89 -26.50 -0.60 13.54
C VAL B 89 -27.32 -1.70 12.87
N ARG B 90 -26.74 -2.40 11.89
CA ARG B 90 -27.44 -3.54 11.28
C ARG B 90 -27.69 -4.65 12.28
N GLN B 91 -26.85 -4.77 13.32
CA GLN B 91 -26.99 -5.86 14.28
C GLN B 91 -28.14 -5.65 15.26
N ILE B 92 -28.61 -4.41 15.43
CA ILE B 92 -29.73 -4.14 16.32
C ILE B 92 -31.02 -4.42 15.54
N ALA B 93 -31.27 -5.71 15.31
CA ALA B 93 -32.39 -6.21 14.53
C ALA B 93 -32.60 -7.66 14.90
N PRO B 94 -33.82 -8.17 14.82
CA PRO B 94 -34.05 -9.59 15.13
C PRO B 94 -33.29 -10.49 14.15
N GLY B 95 -32.72 -11.55 14.69
CA GLY B 95 -32.06 -12.56 13.88
C GLY B 95 -30.61 -12.29 13.53
N GLN B 96 -29.99 -11.30 14.14
CA GLN B 96 -28.63 -10.91 13.80
C GLN B 96 -27.59 -11.65 14.64
N THR B 97 -26.37 -11.69 14.12
CA THR B 97 -25.20 -12.14 14.85
C THR B 97 -24.07 -11.14 14.66
N GLY B 98 -23.03 -11.29 15.46
CA GLY B 98 -22.01 -10.29 15.64
C GLY B 98 -21.78 -10.00 17.11
N LYS B 99 -20.69 -9.28 17.38
CA LYS B 99 -20.31 -9.03 18.77
C LYS B 99 -21.40 -8.30 19.53
N ILE B 100 -22.08 -7.36 18.88
CA ILE B 100 -23.12 -6.59 19.57
C ILE B 100 -24.34 -7.47 19.83
N ALA B 101 -24.86 -8.10 18.77
CA ALA B 101 -26.06 -8.92 18.91
C ALA B 101 -25.83 -10.11 19.83
N ASP B 102 -24.61 -10.65 19.86
CA ASP B 102 -24.33 -11.84 20.65
C ASP B 102 -23.93 -11.51 22.08
N TYR B 103 -23.16 -10.44 22.30
CA TYR B 103 -22.58 -10.18 23.61
C TYR B 103 -23.01 -8.89 24.28
N ASN B 104 -23.80 -8.04 23.61
CA ASN B 104 -24.04 -6.71 24.18
C ASN B 104 -25.52 -6.35 24.27
N TYR B 105 -26.26 -6.52 23.17
CA TYR B 105 -27.68 -6.19 23.15
C TYR B 105 -28.37 -7.07 22.13
N LYS B 106 -29.28 -7.92 22.59
CA LYS B 106 -29.89 -8.95 21.75
C LYS B 106 -31.39 -8.72 21.64
N LEU B 107 -31.89 -8.73 20.40
CA LEU B 107 -33.32 -8.62 20.17
C LEU B 107 -33.94 -9.99 19.92
N PRO B 108 -35.12 -10.23 20.48
CA PRO B 108 -35.79 -11.51 20.27
C PRO B 108 -36.24 -11.66 18.84
N ASP B 109 -36.30 -12.91 18.38
CA ASP B 109 -36.78 -13.16 17.03
C ASP B 109 -38.22 -12.69 16.85
N ASP B 110 -39.03 -12.77 17.91
CA ASP B 110 -40.41 -12.31 17.90
C ASP B 110 -40.55 -10.85 18.32
N PHE B 111 -39.65 -9.98 17.87
CA PHE B 111 -39.62 -8.61 18.37
C PHE B 111 -40.76 -7.80 17.76
N THR B 112 -41.39 -6.96 18.59
CA THR B 112 -42.34 -5.96 18.13
C THR B 112 -41.93 -4.61 18.70
N GLY B 113 -41.61 -3.69 17.80
CA GLY B 113 -41.10 -2.39 18.20
C GLY B 113 -40.30 -1.81 17.05
N CYS B 114 -39.57 -0.74 17.34
CA CYS B 114 -38.87 0.00 16.31
C CYS B 114 -37.45 0.34 16.75
N VAL B 115 -36.51 0.14 15.84
CA VAL B 115 -35.11 0.52 16.04
C VAL B 115 -34.89 1.87 15.36
N ILE B 116 -34.39 2.83 16.13
CA ILE B 116 -34.19 4.20 15.68
C ILE B 116 -32.74 4.58 15.98
N ALA B 117 -32.01 5.00 14.93
CA ALA B 117 -30.60 5.34 15.07
C ALA B 117 -30.28 6.61 14.30
N TRP B 118 -29.31 7.38 14.82
CA TRP B 118 -28.86 8.58 14.13
C TRP B 118 -27.38 8.82 14.43
N ASN B 119 -26.67 9.29 13.41
CA ASN B 119 -25.26 9.65 13.54
C ASN B 119 -25.09 10.71 14.61
N SER B 120 -24.16 10.48 15.54
CA SER B 120 -23.89 11.41 16.62
C SER B 120 -22.41 11.78 16.66
N ASN B 121 -21.79 11.91 15.49
CA ASN B 121 -20.38 12.27 15.41
C ASN B 121 -20.11 13.63 16.04
N ASN B 122 -21.07 14.56 15.95
CA ASN B 122 -20.84 15.90 16.48
C ASN B 122 -20.81 15.90 18.01
N LEU B 123 -21.49 14.95 18.65
CA LEU B 123 -21.54 14.89 20.11
C LEU B 123 -20.54 13.91 20.72
N ASP B 124 -20.39 12.72 20.12
CA ASP B 124 -19.74 11.62 20.80
C ASP B 124 -18.29 11.39 20.38
N SER B 125 -17.78 12.12 19.40
CA SER B 125 -16.41 11.95 18.94
C SER B 125 -15.60 13.20 19.24
N LYS B 126 -14.37 13.02 19.70
CA LYS B 126 -13.48 14.09 20.11
C LYS B 126 -12.16 13.98 19.34
N VAL B 127 -11.51 15.13 19.12
CA VAL B 127 -10.18 15.12 18.51
C VAL B 127 -9.17 14.58 19.53
N GLY B 128 -8.38 13.60 19.11
CA GLY B 128 -7.58 12.79 20.00
C GLY B 128 -8.28 11.51 20.39
N GLY B 129 -9.61 11.50 20.34
CA GLY B 129 -10.38 10.29 20.58
C GLY B 129 -11.29 10.35 21.79
N ASN B 130 -12.45 9.69 21.70
CA ASN B 130 -13.34 9.48 22.82
C ASN B 130 -13.39 7.98 23.08
N TYR B 131 -12.81 7.55 24.20
CA TYR B 131 -12.71 6.15 24.53
C TYR B 131 -13.65 5.73 25.66
N ASN B 132 -14.62 6.59 26.00
CA ASN B 132 -15.51 6.31 27.13
C ASN B 132 -16.58 5.28 26.80
N TYR B 133 -17.02 5.20 25.54
CA TYR B 133 -17.97 4.18 25.16
C TYR B 133 -17.26 2.84 24.99
N LEU B 134 -17.82 1.79 25.58
CA LEU B 134 -17.24 0.47 25.55
C LEU B 134 -18.23 -0.53 24.95
N TYR B 135 -17.69 -1.69 24.58
CA TYR B 135 -18.50 -2.84 24.19
C TYR B 135 -17.82 -4.09 24.74
N ARG B 136 -18.62 -5.14 24.91
CA ARG B 136 -18.07 -6.41 25.40
C ARG B 136 -17.46 -7.20 24.26
N LEU B 137 -16.20 -7.60 24.41
CA LEU B 137 -15.54 -8.33 23.36
C LEU B 137 -15.68 -9.84 23.51
N PHE B 138 -15.68 -10.36 24.74
CA PHE B 138 -15.73 -11.80 24.97
C PHE B 138 -16.80 -12.14 25.98
N ARG B 139 -17.41 -13.31 25.78
CA ARG B 139 -18.40 -13.84 26.70
C ARG B 139 -18.47 -15.35 26.51
N LYS B 140 -18.79 -16.07 27.57
CA LYS B 140 -18.84 -17.53 27.50
C LYS B 140 -20.03 -18.05 26.70
N SER B 141 -21.02 -17.22 26.41
CA SER B 141 -22.17 -17.64 25.61
C SER B 141 -22.93 -16.39 25.19
N ASN B 142 -23.92 -16.60 24.31
CA ASN B 142 -24.69 -15.49 23.78
C ASN B 142 -25.72 -15.00 24.78
N LEU B 143 -25.97 -13.69 24.71
CA LEU B 143 -27.00 -13.07 25.54
C LEU B 143 -28.36 -13.67 25.24
N LYS B 144 -29.20 -13.75 26.27
CA LYS B 144 -30.63 -13.94 26.02
C LYS B 144 -31.27 -12.62 25.60
N PRO B 145 -32.38 -12.68 24.84
CA PRO B 145 -33.05 -11.43 24.46
C PRO B 145 -33.30 -10.50 25.64
N PHE B 146 -32.72 -9.29 25.55
CA PHE B 146 -32.84 -8.21 26.52
C PHE B 146 -32.02 -8.46 27.80
N GLU B 147 -31.05 -9.36 27.75
CA GLU B 147 -30.15 -9.53 28.87
C GLU B 147 -29.12 -8.38 28.89
N ARG B 148 -28.68 -8.03 30.09
CA ARG B 148 -27.74 -6.92 30.30
C ARG B 148 -26.60 -7.45 31.17
N ASP B 149 -25.47 -7.75 30.54
CA ASP B 149 -24.27 -8.22 31.24
C ASP B 149 -23.36 -7.03 31.49
N ILE B 150 -23.22 -6.64 32.76
CA ILE B 150 -22.36 -5.53 33.15
C ILE B 150 -21.16 -5.99 33.96
N SER B 151 -20.91 -7.30 34.00
CA SER B 151 -19.80 -7.83 34.76
C SER B 151 -18.47 -7.50 34.08
N THR B 152 -17.38 -7.61 34.85
CA THR B 152 -16.04 -7.33 34.33
C THR B 152 -15.05 -8.41 34.75
N GLU B 153 -15.51 -9.63 34.94
CA GLU B 153 -14.59 -10.72 35.25
C GLU B 153 -13.66 -10.97 34.06
N ILE B 154 -12.44 -11.41 34.37
CA ILE B 154 -11.48 -11.74 33.33
C ILE B 154 -12.00 -12.92 32.53
N TYR B 155 -11.98 -12.78 31.21
CA TYR B 155 -12.38 -13.88 30.34
C TYR B 155 -11.26 -14.92 30.28
N GLN B 156 -11.60 -16.17 30.58
CA GLN B 156 -10.62 -17.26 30.66
C GLN B 156 -10.77 -18.13 29.42
N ALA B 157 -9.90 -17.92 28.43
CA ALA B 157 -10.07 -18.54 27.13
C ALA B 157 -9.60 -20.00 27.09
N GLY B 158 -8.63 -20.36 27.92
CA GLY B 158 -8.12 -21.73 27.94
C GLY B 158 -8.24 -22.40 29.29
N SER B 159 -7.62 -23.56 29.45
CA SER B 159 -7.81 -24.36 30.65
C SER B 159 -7.14 -23.74 31.87
N THR B 160 -6.02 -23.05 31.69
CA THR B 160 -5.32 -22.47 32.82
C THR B 160 -6.11 -21.29 33.39
N PRO B 161 -6.16 -21.15 34.72
CA PRO B 161 -7.01 -20.12 35.33
C PRO B 161 -6.34 -18.75 35.37
N CYS B 162 -7.18 -17.73 35.45
CA CYS B 162 -6.73 -16.35 35.32
C CYS B 162 -6.38 -15.70 36.65
N ASN B 163 -7.04 -16.09 37.72
CA ASN B 163 -6.88 -15.47 39.04
C ASN B 163 -7.02 -13.95 38.94
N GLY B 164 -8.15 -13.53 38.36
CA GLY B 164 -8.55 -12.14 38.35
C GLY B 164 -7.60 -11.17 37.71
N VAL B 165 -6.63 -11.66 36.93
CA VAL B 165 -5.64 -10.77 36.31
C VAL B 165 -5.40 -11.21 34.87
N GLU B 166 -5.11 -10.23 34.02
CA GLU B 166 -4.89 -10.51 32.61
C GLU B 166 -3.58 -11.27 32.42
N GLY B 167 -3.54 -12.11 31.41
CA GLY B 167 -2.38 -12.94 31.17
C GLY B 167 -2.56 -13.77 29.92
N PHE B 168 -1.77 -14.83 29.83
CA PHE B 168 -1.77 -15.65 28.63
C PHE B 168 -3.11 -16.38 28.52
N ASN B 169 -3.85 -16.08 27.45
CA ASN B 169 -5.18 -16.63 27.20
C ASN B 169 -6.20 -16.14 28.22
N CYS B 170 -5.95 -14.97 28.81
CA CYS B 170 -6.79 -14.41 29.89
C CYS B 170 -7.00 -12.94 29.58
N TYR B 171 -8.20 -12.57 29.13
CA TYR B 171 -8.45 -11.25 28.56
C TYR B 171 -9.51 -10.51 29.37
N PHE B 172 -9.26 -9.22 29.62
CA PHE B 172 -10.32 -8.35 30.10
C PHE B 172 -11.41 -8.26 29.03
N PRO B 173 -12.69 -8.42 29.39
CA PRO B 173 -13.72 -8.64 28.39
C PRO B 173 -14.31 -7.40 27.73
N LEU B 174 -14.04 -6.21 28.25
CA LEU B 174 -14.54 -4.99 27.64
C LEU B 174 -13.45 -4.31 26.83
N GLN B 175 -13.90 -3.46 25.91
CA GLN B 175 -13.02 -2.83 24.93
C GLN B 175 -13.65 -1.51 24.53
N SER B 176 -12.81 -0.48 24.43
CA SER B 176 -13.30 0.84 24.08
C SER B 176 -13.46 0.97 22.57
N TYR B 177 -14.50 1.69 22.15
CA TYR B 177 -14.49 2.30 20.84
C TYR B 177 -13.52 3.48 20.86
N GLY B 178 -12.96 3.77 19.69
CA GLY B 178 -12.25 5.03 19.50
C GLY B 178 -13.00 5.91 18.52
N PHE B 179 -13.52 7.04 19.00
CA PHE B 179 -14.37 7.90 18.19
C PHE B 179 -13.66 9.23 17.95
N GLN B 180 -12.93 9.32 16.84
CA GLN B 180 -12.39 10.58 16.36
C GLN B 180 -13.25 11.08 15.22
N PRO B 181 -13.48 12.40 15.13
CA PRO B 181 -14.43 12.92 14.13
C PRO B 181 -14.02 12.64 12.69
N THR B 182 -12.74 12.38 12.42
CA THR B 182 -12.25 12.07 11.08
C THR B 182 -12.51 10.62 10.67
N ASN B 183 -13.10 9.80 11.53
CA ASN B 183 -13.33 8.41 11.16
C ASN B 183 -14.32 8.32 10.01
N GLY B 184 -14.24 7.21 9.28
CA GLY B 184 -15.25 6.92 8.28
C GLY B 184 -16.59 6.64 8.94
N VAL B 185 -17.64 6.69 8.12
CA VAL B 185 -19.01 6.63 8.64
C VAL B 185 -19.23 5.33 9.42
N GLY B 186 -18.71 4.21 8.91
CA GLY B 186 -18.88 2.95 9.60
C GLY B 186 -18.26 2.91 10.97
N TYR B 187 -17.29 3.78 11.24
CA TYR B 187 -16.62 3.86 12.52
C TYR B 187 -17.03 5.09 13.32
N GLN B 188 -18.12 5.73 12.95
CA GLN B 188 -18.56 6.89 13.69
C GLN B 188 -19.62 6.50 14.72
N PRO B 189 -19.77 7.29 15.78
CA PRO B 189 -20.74 6.93 16.83
C PRO B 189 -22.17 7.13 16.33
N TYR B 190 -23.02 6.15 16.62
CA TYR B 190 -24.44 6.24 16.34
C TYR B 190 -25.22 6.03 17.63
N ARG B 191 -26.11 6.96 17.94
CA ARG B 191 -27.01 6.80 19.07
C ARG B 191 -28.24 6.02 18.63
N VAL B 192 -28.60 5.01 19.42
CA VAL B 192 -29.68 4.10 19.08
C VAL B 192 -30.73 4.16 20.18
N VAL B 193 -32.00 4.13 19.79
CA VAL B 193 -33.12 3.97 20.70
C VAL B 193 -33.94 2.80 20.20
N VAL B 194 -34.12 1.78 21.03
CA VAL B 194 -34.97 0.65 20.72
C VAL B 194 -36.25 0.79 21.54
N LEU B 195 -37.39 0.82 20.84
CA LEU B 195 -38.70 0.95 21.45
C LEU B 195 -39.37 -0.42 21.44
N SER B 196 -39.68 -0.94 22.62
CA SER B 196 -40.30 -2.27 22.74
C SER B 196 -41.75 -2.07 23.15
N PHE B 197 -42.66 -2.61 22.33
CA PHE B 197 -44.10 -2.49 22.50
C PHE B 197 -44.66 -3.84 22.91
N GLU B 198 -45.30 -3.91 24.07
CA GLU B 198 -45.97 -5.13 24.51
C GLU B 198 -47.48 -4.93 24.46
N LEU B 199 -48.19 -5.94 23.94
CA LEU B 199 -49.59 -5.81 23.56
C LEU B 199 -50.55 -6.65 24.39
N LEU B 200 -50.17 -7.87 24.78
CA LEU B 200 -51.09 -8.75 25.51
C LEU B 200 -50.58 -8.99 26.93
N HIS B 201 -51.37 -9.79 27.67
CA HIS B 201 -51.06 -10.18 29.05
C HIS B 201 -50.93 -8.98 29.99
N ALA B 202 -51.70 -7.92 29.74
CA ALA B 202 -51.80 -6.73 30.59
C ALA B 202 -52.81 -5.76 29.98
N PRO B 203 -53.37 -4.82 30.75
CA PRO B 203 -54.24 -3.81 30.15
C PRO B 203 -53.43 -2.78 29.37
N ALA B 204 -54.13 -2.06 28.49
CA ALA B 204 -53.45 -1.09 27.64
C ALA B 204 -53.05 0.16 28.43
N THR B 205 -52.06 0.86 27.89
CA THR B 205 -51.67 2.17 28.39
C THR B 205 -50.97 2.94 27.27
#